data_1W3N
#
_entry.id   1W3N
#
_cell.length_a   83.797
_cell.length_b   131.269
_cell.length_c   132.759
_cell.angle_alpha   90.00
_cell.angle_beta   90.00
_cell.angle_gamma   90.00
#
_symmetry.space_group_name_H-M   'P 21 21 21'
#
loop_
_entity.id
_entity.type
_entity.pdbx_description
1 polymer '2-KETO-3-DEOXY GLUCONATE ALDOLASE'
2 non-polymer '3-DEOXY-D-ARABINO-HEXONIC ACID'
3 non-polymer GLYCEROL
4 water water
#
_entity_poly.entity_id   1
_entity_poly.type   'polypeptide(L)'
_entity_poly.pdbx_seq_one_letter_code
;MPEIITPIITPFTKDNRIDKEKLKIHAENLIRKGIDKLFVNGTTGLGPSLSPEEKLENLKAVYDVTNKIIFQVGGLNLDD
AIRLAKLSKDFDIVGIASYAPYYYPRMSEKHLVKYFKTLCEVSPHPVYLYNYPTATGKDIDAKVAKEIGCFTGVKDTIEN
IIHTLDYKRLNPNMLVYSGSDMLIATVASTGLDGNVAAGSNYLPEVTVTIKKLAMERKIDEALKLQFLHDEVIEASRIFG
SLSSNYVLTKYFQGYDLGYPRPPIFPLDDEEERQLIKKVEGIRAKLVELKILKE
;
_entity_poly.pdbx_strand_id   A,B,C,D
#
loop_
_chem_comp.id
_chem_comp.type
_chem_comp.name
_chem_comp.formula
GOL non-polymer GLYCEROL 'C3 H8 O3'
SSH D-saccharide '3-DEOXY-D-ARABINO-HEXONIC ACID' 'C6 H12 O6'
#
# COMPACT_ATOMS: atom_id res chain seq x y z
N PRO A 2 -24.69 -1.97 -23.10
CA PRO A 2 -24.29 -2.04 -21.64
C PRO A 2 -25.47 -1.72 -20.71
N GLU A 3 -25.34 -1.99 -19.42
CA GLU A 3 -26.46 -1.79 -18.46
C GLU A 3 -26.02 -0.95 -17.27
N ILE A 4 -27.00 -0.35 -16.57
CA ILE A 4 -26.78 0.29 -15.28
C ILE A 4 -27.49 -0.61 -14.31
N ILE A 5 -26.72 -1.16 -13.37
CA ILE A 5 -27.29 -1.99 -12.33
C ILE A 5 -27.19 -1.24 -10.98
N THR A 6 -28.26 -1.25 -10.17
CA THR A 6 -28.22 -0.45 -8.91
C THR A 6 -27.93 -1.37 -7.76
N PRO A 7 -26.86 -1.13 -6.97
CA PRO A 7 -26.68 -1.92 -5.74
C PRO A 7 -27.62 -1.22 -4.78
N ILE A 8 -28.79 -1.79 -4.57
CA ILE A 8 -29.85 -1.04 -3.97
C ILE A 8 -29.65 -0.82 -2.47
N ILE A 9 -29.90 0.40 -2.01
CA ILE A 9 -29.86 0.74 -0.58
C ILE A 9 -30.89 -0.08 0.20
N THR A 10 -30.53 -0.46 1.42
CA THR A 10 -31.40 -1.11 2.39
C THR A 10 -31.91 -0.09 3.39
N PRO A 11 -33.22 0.22 3.34
CA PRO A 11 -33.80 1.18 4.26
C PRO A 11 -34.10 0.51 5.58
N PHE A 12 -33.68 1.11 6.69
CA PHE A 12 -34.00 0.54 8.01
C PHE A 12 -34.95 1.51 8.69
N THR A 13 -35.85 0.92 9.48
CA THR A 13 -36.68 1.67 10.44
C THR A 13 -35.85 2.26 11.59
N LYS A 14 -36.53 3.12 12.36
CA LYS A 14 -35.97 3.74 13.56
C LYS A 14 -35.44 2.72 14.52
N ASP A 15 -36.17 1.63 14.70
CA ASP A 15 -35.67 0.50 15.52
C ASP A 15 -34.85 -0.63 14.77
N ASN A 16 -34.17 -0.27 13.69
CA ASN A 16 -33.14 -1.17 13.16
C ASN A 16 -33.65 -2.44 12.54
N ARG A 17 -34.83 -2.39 11.94
CA ARG A 17 -35.27 -3.47 11.09
C ARG A 17 -35.33 -2.97 9.64
N ILE A 18 -35.34 -3.87 8.68
CA ILE A 18 -35.50 -3.46 7.28
C ILE A 18 -36.92 -2.89 7.02
N ASP A 19 -37.01 -1.70 6.45
CA ASP A 19 -38.32 -1.13 6.11
C ASP A 19 -38.73 -1.66 4.75
N LYS A 20 -39.46 -2.76 4.71
CA LYS A 20 -39.73 -3.46 3.46
C LYS A 20 -40.55 -2.62 2.46
N GLU A 21 -41.48 -1.79 2.98
CA GLU A 21 -42.37 -1.03 2.11
C GLU A 21 -41.59 0.08 1.50
N LYS A 22 -40.71 0.69 2.29
CA LYS A 22 -39.86 1.70 1.73
C LYS A 22 -38.94 1.15 0.64
N LEU A 23 -38.42 -0.07 0.83
CA LEU A 23 -37.51 -0.70 -0.12
C LEU A 23 -38.24 -1.00 -1.45
N LYS A 24 -39.51 -1.43 -1.36
CA LYS A 24 -40.31 -1.68 -2.56
C LYS A 24 -40.56 -0.40 -3.37
N ILE A 25 -40.82 0.70 -2.68
CA ILE A 25 -41.01 2.00 -3.36
C ILE A 25 -39.72 2.42 -4.11
N HIS A 26 -38.60 2.40 -3.41
CA HIS A 26 -37.33 2.65 -4.06
C HIS A 26 -37.09 1.72 -5.29
N ALA A 27 -37.24 0.42 -5.10
CA ALA A 27 -36.98 -0.53 -6.18
C ALA A 27 -37.85 -0.22 -7.40
N GLU A 28 -39.14 0.05 -7.15
CA GLU A 28 -40.07 0.28 -8.25
C GLU A 28 -39.68 1.51 -9.04
N ASN A 29 -39.36 2.58 -8.32
CA ASN A 29 -38.88 3.81 -8.97
C ASN A 29 -37.61 3.60 -9.84
N LEU A 30 -36.64 2.82 -9.33
CA LEU A 30 -35.41 2.50 -10.07
C LEU A 30 -35.75 1.82 -11.39
N ILE A 31 -36.60 0.81 -11.34
CA ILE A 31 -36.94 0.05 -12.54
C ILE A 31 -37.67 0.98 -13.52
N ARG A 32 -38.59 1.76 -12.99
CA ARG A 32 -39.34 2.65 -13.87
C ARG A 32 -38.47 3.73 -14.46
N LYS A 33 -37.32 4.02 -13.84
CA LYS A 33 -36.51 5.09 -14.39
C LYS A 33 -35.39 4.52 -15.31
N GLY A 34 -35.47 3.23 -15.63
CA GLY A 34 -34.59 2.68 -16.65
C GLY A 34 -33.42 1.85 -16.14
N ILE A 35 -33.37 1.62 -14.81
CA ILE A 35 -32.27 0.79 -14.30
C ILE A 35 -32.52 -0.60 -14.79
N ASP A 36 -31.45 -1.31 -15.22
CA ASP A 36 -31.66 -2.65 -15.75
C ASP A 36 -31.85 -3.77 -14.75
N LYS A 37 -31.02 -3.81 -13.70
CA LYS A 37 -31.21 -4.85 -12.66
C LYS A 37 -30.86 -4.22 -11.33
N LEU A 38 -31.16 -4.98 -10.28
CA LEU A 38 -30.94 -4.48 -8.94
C LEU A 38 -30.03 -5.51 -8.28
N PHE A 39 -28.93 -5.02 -7.73
CA PHE A 39 -27.93 -5.88 -7.04
C PHE A 39 -28.28 -5.73 -5.56
N VAL A 40 -28.82 -6.81 -5.01
CA VAL A 40 -29.37 -6.78 -3.67
C VAL A 40 -28.41 -7.38 -2.62
N ASN A 41 -28.30 -6.68 -1.47
CA ASN A 41 -27.33 -7.02 -0.41
C ASN A 41 -25.85 -6.81 -0.78
N GLY A 42 -25.58 -5.80 -1.58
CA GLY A 42 -24.22 -5.36 -1.89
C GLY A 42 -23.74 -4.45 -0.80
N THR A 43 -22.61 -3.82 -1.05
CA THR A 43 -22.02 -2.93 -0.08
C THR A 43 -22.97 -1.79 0.20
N THR A 44 -23.52 -1.19 -0.85
CA THR A 44 -24.38 -0.03 -0.70
C THR A 44 -25.60 -0.40 0.11
N GLY A 45 -25.97 -1.67 0.01
CA GLY A 45 -27.11 -2.26 0.72
C GLY A 45 -26.75 -2.70 2.13
N LEU A 46 -25.51 -2.47 2.51
CA LEU A 46 -24.97 -2.92 3.79
C LEU A 46 -25.09 -4.44 3.98
N GLY A 47 -24.91 -5.20 2.89
CA GLY A 47 -24.94 -6.67 2.91
C GLY A 47 -24.13 -7.31 4.07
N PRO A 48 -22.86 -6.91 4.29
CA PRO A 48 -22.14 -7.45 5.46
C PRO A 48 -22.80 -7.14 6.82
N SER A 49 -23.61 -6.08 6.93
CA SER A 49 -24.31 -5.85 8.19
C SER A 49 -25.65 -6.64 8.38
N LEU A 50 -26.09 -7.41 7.39
CA LEU A 50 -27.41 -8.11 7.40
C LEU A 50 -27.20 -9.52 7.79
N SER A 51 -28.03 -10.06 8.68
CA SER A 51 -27.94 -11.50 9.02
C SER A 51 -28.41 -12.24 7.74
N PRO A 52 -28.22 -13.55 7.61
CA PRO A 52 -28.74 -14.26 6.41
C PRO A 52 -30.26 -14.13 6.20
N GLU A 53 -31.00 -14.15 7.30
N GLU A 53 -31.03 -14.16 7.30
CA GLU A 53 -32.44 -13.98 7.30
CA GLU A 53 -32.47 -13.97 7.23
C GLU A 53 -32.83 -12.60 6.73
C GLU A 53 -32.84 -12.58 6.71
N GLU A 54 -32.09 -11.56 7.12
CA GLU A 54 -32.30 -10.25 6.56
C GLU A 54 -31.93 -10.20 5.09
N LYS A 55 -30.85 -10.87 4.73
CA LYS A 55 -30.49 -10.97 3.30
C LYS A 55 -31.65 -11.59 2.46
N LEU A 56 -32.24 -12.66 2.99
CA LEU A 56 -33.45 -13.26 2.40
C LEU A 56 -34.68 -12.32 2.36
N GLU A 57 -34.88 -11.56 3.43
CA GLU A 57 -35.98 -10.59 3.51
C GLU A 57 -35.85 -9.58 2.41
N ASN A 58 -34.62 -9.07 2.20
CA ASN A 58 -34.38 -8.12 1.15
C ASN A 58 -34.76 -8.70 -0.21
N LEU A 59 -34.40 -9.96 -0.42
CA LEU A 59 -34.66 -10.56 -1.74
C LEU A 59 -36.21 -10.65 -1.90
N LYS A 60 -36.88 -11.11 -0.86
CA LYS A 60 -38.36 -11.25 -0.94
C LYS A 60 -39.08 -9.92 -1.19
N ALA A 61 -38.68 -8.84 -0.50
CA ALA A 61 -39.28 -7.53 -0.73
C ALA A 61 -39.07 -7.05 -2.17
N VAL A 62 -37.85 -7.15 -2.68
CA VAL A 62 -37.55 -6.53 -4.00
C VAL A 62 -38.19 -7.41 -5.08
N TYR A 63 -38.21 -8.68 -4.81
CA TYR A 63 -38.83 -9.64 -5.72
C TYR A 63 -40.34 -9.38 -5.92
N ASP A 64 -41.00 -8.72 -4.97
CA ASP A 64 -42.42 -8.34 -5.10
C ASP A 64 -42.53 -7.28 -6.20
N VAL A 65 -41.45 -6.52 -6.38
CA VAL A 65 -41.41 -5.50 -7.37
C VAL A 65 -40.89 -5.98 -8.73
N THR A 66 -39.81 -6.76 -8.75
CA THR A 66 -39.17 -7.14 -10.02
C THR A 66 -38.44 -8.47 -9.89
N ASN A 67 -38.31 -9.25 -10.97
CA ASN A 67 -37.38 -10.38 -10.90
C ASN A 67 -35.97 -10.03 -11.46
N LYS A 68 -35.74 -8.78 -11.81
CA LYS A 68 -34.46 -8.38 -12.41
C LYS A 68 -33.42 -8.24 -11.27
N ILE A 69 -33.08 -9.36 -10.65
CA ILE A 69 -32.36 -9.24 -9.40
C ILE A 69 -31.07 -10.07 -9.44
N ILE A 70 -29.98 -9.50 -8.95
CA ILE A 70 -28.80 -10.32 -8.61
C ILE A 70 -28.72 -10.36 -7.08
N PHE A 71 -28.69 -11.55 -6.50
CA PHE A 71 -28.96 -11.72 -5.08
C PHE A 71 -27.62 -12.04 -4.46
N GLN A 72 -27.10 -11.16 -3.60
CA GLN A 72 -25.74 -11.35 -3.01
C GLN A 72 -25.89 -12.12 -1.70
N VAL A 73 -25.11 -13.19 -1.51
CA VAL A 73 -25.38 -14.15 -0.43
C VAL A 73 -24.14 -14.47 0.46
N GLY A 74 -23.01 -13.85 0.12
CA GLY A 74 -21.72 -14.19 0.72
C GLY A 74 -21.58 -13.86 2.19
N GLY A 75 -20.59 -14.43 2.84
CA GLY A 75 -20.39 -14.16 4.27
C GLY A 75 -19.32 -15.06 4.82
N LEU A 76 -19.12 -14.94 6.11
CA LEU A 76 -18.05 -15.69 6.77
C LEU A 76 -18.54 -17.02 7.35
N ASN A 77 -19.82 -17.36 7.10
CA ASN A 77 -20.27 -18.69 7.48
C ASN A 77 -20.73 -19.36 6.21
N LEU A 78 -19.92 -20.25 5.68
CA LEU A 78 -20.24 -20.82 4.39
C LEU A 78 -21.56 -21.64 4.43
N ASP A 79 -21.89 -22.32 5.53
CA ASP A 79 -23.21 -22.98 5.63
C ASP A 79 -24.34 -21.98 5.37
N ASP A 80 -24.27 -20.78 5.96
CA ASP A 80 -25.32 -19.76 5.65
C ASP A 80 -25.42 -19.33 4.18
N ALA A 81 -24.27 -19.13 3.51
CA ALA A 81 -24.33 -18.65 2.12
C ALA A 81 -24.87 -19.76 1.20
N ILE A 82 -24.46 -20.99 1.48
CA ILE A 82 -24.99 -22.17 0.73
C ILE A 82 -26.51 -22.23 0.94
N ARG A 83 -26.97 -22.11 2.21
CA ARG A 83 -28.42 -22.05 2.48
C ARG A 83 -29.13 -20.96 1.66
N LEU A 84 -28.57 -19.74 1.64
CA LEU A 84 -29.16 -18.66 0.84
C LEU A 84 -29.15 -18.98 -0.63
N ALA A 85 -28.06 -19.58 -1.11
CA ALA A 85 -27.97 -19.91 -2.54
C ALA A 85 -29.13 -20.88 -2.94
N LYS A 86 -29.32 -21.89 -2.12
CA LYS A 86 -30.36 -22.91 -2.32
C LYS A 86 -31.75 -22.33 -2.24
N LEU A 87 -32.01 -21.56 -1.17
CA LEU A 87 -33.28 -20.87 -1.05
C LEU A 87 -33.65 -20.00 -2.22
N SER A 88 -32.69 -19.56 -3.03
CA SER A 88 -33.04 -18.67 -4.16
C SER A 88 -33.70 -19.43 -5.32
N LYS A 89 -33.74 -20.76 -5.25
CA LYS A 89 -34.34 -21.57 -6.33
C LYS A 89 -35.78 -21.20 -6.65
N ASP A 90 -36.58 -20.77 -5.67
CA ASP A 90 -37.98 -20.47 -6.03
C ASP A 90 -38.20 -19.02 -6.43
N PHE A 91 -37.14 -18.32 -6.84
CA PHE A 91 -37.21 -16.95 -7.30
C PHE A 91 -36.60 -17.01 -8.68
N ASP A 92 -37.37 -16.58 -9.68
CA ASP A 92 -36.92 -16.60 -11.06
C ASP A 92 -36.07 -15.35 -11.27
N ILE A 93 -34.88 -15.31 -10.68
CA ILE A 93 -34.03 -14.08 -10.74
C ILE A 93 -32.90 -14.13 -11.79
N VAL A 94 -32.12 -13.07 -11.92
CA VAL A 94 -30.99 -13.10 -12.83
C VAL A 94 -29.84 -13.99 -12.36
N GLY A 95 -29.53 -13.96 -11.06
CA GLY A 95 -28.38 -14.68 -10.57
C GLY A 95 -28.15 -14.43 -9.09
N ILE A 96 -27.22 -15.18 -8.51
CA ILE A 96 -26.78 -14.93 -7.12
C ILE A 96 -25.33 -14.38 -7.23
N ALA A 97 -24.76 -13.88 -6.12
CA ALA A 97 -23.42 -13.28 -6.20
C ALA A 97 -22.73 -13.45 -4.89
N SER A 98 -21.39 -13.40 -4.87
CA SER A 98 -20.71 -13.26 -3.54
C SER A 98 -19.47 -12.39 -3.71
N TYR A 99 -19.19 -11.49 -2.76
CA TYR A 99 -17.83 -11.03 -2.52
C TYR A 99 -17.00 -12.15 -1.90
N ALA A 100 -15.69 -11.97 -1.96
CA ALA A 100 -14.75 -12.85 -1.33
C ALA A 100 -14.98 -12.82 0.20
N PRO A 101 -14.63 -13.92 0.89
CA PRO A 101 -14.64 -13.90 2.36
C PRO A 101 -13.75 -12.73 2.84
N TYR A 102 -14.31 -11.88 3.69
CA TYR A 102 -13.63 -10.63 4.07
C TYR A 102 -13.01 -10.75 5.45
N TYR A 103 -12.45 -9.62 5.93
CA TYR A 103 -11.75 -9.51 7.22
C TYR A 103 -10.40 -10.26 7.29
N TYR A 104 -10.42 -11.60 7.22
CA TYR A 104 -9.22 -12.38 7.43
C TYR A 104 -8.18 -12.13 6.32
N PRO A 105 -7.01 -11.61 6.68
CA PRO A 105 -5.95 -11.38 5.66
C PRO A 105 -5.29 -12.70 5.23
N ARG A 106 -4.72 -12.72 4.03
CA ARG A 106 -3.77 -13.76 3.62
C ARG A 106 -4.43 -15.14 3.48
N MET A 107 -5.71 -15.18 3.14
CA MET A 107 -6.33 -16.47 2.88
C MET A 107 -5.77 -17.00 1.54
N SER A 108 -5.51 -18.29 1.43
CA SER A 108 -4.82 -18.80 0.22
C SER A 108 -5.68 -18.78 -1.01
N GLU A 109 -5.04 -18.74 -2.17
CA GLU A 109 -5.72 -18.91 -3.43
C GLU A 109 -6.58 -20.18 -3.43
N LYS A 110 -6.01 -21.26 -2.93
CA LYS A 110 -6.71 -22.54 -2.84
C LYS A 110 -8.07 -22.37 -2.10
N HIS A 111 -8.02 -21.80 -0.90
CA HIS A 111 -9.21 -21.62 -0.07
C HIS A 111 -10.30 -20.69 -0.68
N LEU A 112 -9.85 -19.64 -1.34
CA LEU A 112 -10.74 -18.66 -1.94
C LEU A 112 -11.42 -19.37 -3.11
N VAL A 113 -10.60 -20.13 -3.86
CA VAL A 113 -11.13 -20.87 -4.98
C VAL A 113 -12.20 -21.87 -4.47
N LYS A 114 -11.89 -22.60 -3.42
CA LYS A 114 -12.86 -23.53 -2.87
C LYS A 114 -14.16 -22.85 -2.46
N TYR A 115 -14.04 -21.70 -1.79
CA TYR A 115 -15.25 -21.01 -1.32
C TYR A 115 -16.18 -20.75 -2.49
N PHE A 116 -15.65 -20.19 -3.57
CA PHE A 116 -16.50 -19.77 -4.66
C PHE A 116 -17.03 -21.02 -5.47
N LYS A 117 -16.18 -22.07 -5.64
CA LYS A 117 -16.61 -23.32 -6.34
C LYS A 117 -17.74 -23.99 -5.55
N THR A 118 -17.67 -23.95 -4.24
CA THR A 118 -18.78 -24.44 -3.44
C THR A 118 -20.13 -23.77 -3.70
N LEU A 119 -20.11 -22.42 -3.81
CA LEU A 119 -21.33 -21.69 -4.05
C LEU A 119 -21.86 -22.07 -5.44
N CYS A 120 -20.96 -22.19 -6.39
CA CYS A 120 -21.40 -22.53 -7.75
C CYS A 120 -22.01 -23.95 -7.84
N GLU A 121 -21.49 -24.87 -7.01
CA GLU A 121 -21.95 -26.25 -6.95
C GLU A 121 -23.36 -26.34 -6.47
N VAL A 122 -23.76 -25.42 -5.57
CA VAL A 122 -25.12 -25.47 -4.99
C VAL A 122 -26.06 -24.46 -5.63
N SER A 123 -25.59 -23.66 -6.57
CA SER A 123 -26.43 -22.55 -7.01
C SER A 123 -27.48 -22.97 -8.07
N PRO A 124 -28.74 -22.58 -7.87
CA PRO A 124 -29.78 -22.84 -8.90
C PRO A 124 -29.82 -21.76 -9.97
N HIS A 125 -28.91 -20.76 -9.94
CA HIS A 125 -28.90 -19.65 -10.87
C HIS A 125 -27.45 -19.36 -11.28
N PRO A 126 -27.25 -18.59 -12.34
CA PRO A 126 -25.89 -18.08 -12.68
C PRO A 126 -25.25 -17.42 -11.44
N VAL A 127 -23.94 -17.57 -11.31
CA VAL A 127 -23.18 -16.95 -10.26
C VAL A 127 -22.32 -15.80 -10.78
N TYR A 128 -22.37 -14.68 -10.05
CA TYR A 128 -21.59 -13.48 -10.32
C TYR A 128 -20.52 -13.25 -9.26
N LEU A 129 -19.32 -12.88 -9.70
CA LEU A 129 -18.23 -12.58 -8.78
C LEU A 129 -18.37 -11.09 -8.39
N TYR A 130 -18.33 -10.78 -7.09
CA TYR A 130 -18.28 -9.37 -6.69
C TYR A 130 -16.84 -9.18 -6.18
N ASN A 131 -16.00 -8.50 -6.97
CA ASN A 131 -14.60 -8.41 -6.61
C ASN A 131 -14.43 -7.05 -6.03
N TYR A 132 -14.00 -6.98 -4.76
CA TYR A 132 -13.86 -5.71 -4.10
C TYR A 132 -12.65 -5.75 -3.15
N PRO A 133 -11.46 -5.64 -3.69
CA PRO A 133 -10.22 -5.82 -2.90
C PRO A 133 -10.05 -4.94 -1.70
N THR A 134 -10.43 -3.69 -1.83
CA THR A 134 -10.23 -2.78 -0.74
C THR A 134 -11.13 -3.20 0.43
N ALA A 135 -12.40 -3.53 0.22
CA ALA A 135 -13.26 -3.93 1.36
C ALA A 135 -12.93 -5.34 1.82
N THR A 136 -12.67 -6.30 0.91
CA THR A 136 -12.57 -7.69 1.40
C THR A 136 -11.16 -8.06 1.81
N GLY A 137 -10.19 -7.27 1.35
CA GLY A 137 -8.81 -7.53 1.67
C GLY A 137 -8.16 -8.49 0.70
N LYS A 138 -8.85 -8.87 -0.38
CA LYS A 138 -8.23 -9.81 -1.34
C LYS A 138 -8.78 -9.66 -2.72
N ASP A 139 -8.05 -10.15 -3.71
CA ASP A 139 -8.39 -9.87 -5.06
C ASP A 139 -8.64 -11.14 -5.78
N ILE A 140 -9.79 -11.25 -6.43
CA ILE A 140 -10.07 -12.40 -7.27
C ILE A 140 -10.03 -11.89 -8.72
N ASP A 141 -8.81 -11.90 -9.28
CA ASP A 141 -8.57 -11.35 -10.59
C ASP A 141 -9.05 -12.27 -11.71
N ALA A 142 -8.85 -11.81 -12.95
CA ALA A 142 -9.29 -12.52 -14.18
C ALA A 142 -8.78 -13.96 -14.20
N LYS A 143 -7.53 -14.13 -13.78
CA LYS A 143 -6.86 -15.43 -13.75
C LYS A 143 -7.56 -16.36 -12.76
N VAL A 144 -7.74 -15.88 -11.53
CA VAL A 144 -8.43 -16.67 -10.52
C VAL A 144 -9.88 -16.88 -10.94
N ALA A 145 -10.57 -15.84 -11.44
CA ALA A 145 -11.94 -16.01 -11.96
C ALA A 145 -12.01 -17.18 -12.98
N LYS A 146 -11.04 -17.20 -13.91
CA LYS A 146 -10.97 -18.27 -14.93
C LYS A 146 -10.79 -19.66 -14.31
N GLU A 147 -9.93 -19.76 -13.30
CA GLU A 147 -9.70 -21.01 -12.60
C GLU A 147 -10.93 -21.49 -11.79
N ILE A 148 -11.63 -20.56 -11.13
CA ILE A 148 -12.90 -20.90 -10.51
C ILE A 148 -13.81 -21.47 -11.61
N GLY A 149 -13.86 -20.80 -12.77
CA GLY A 149 -14.42 -21.38 -13.97
C GLY A 149 -15.92 -21.46 -14.04
N CYS A 150 -16.63 -20.87 -13.10
CA CYS A 150 -18.05 -21.03 -13.12
C CYS A 150 -18.83 -19.71 -13.11
N PHE A 151 -18.15 -18.57 -13.29
CA PHE A 151 -18.88 -17.28 -13.16
C PHE A 151 -19.53 -16.84 -14.45
N THR A 152 -20.74 -16.30 -14.38
CA THR A 152 -21.42 -15.70 -15.55
C THR A 152 -21.02 -14.24 -15.74
N GLY A 153 -20.62 -13.58 -14.66
CA GLY A 153 -20.35 -12.15 -14.73
C GLY A 153 -19.53 -11.76 -13.52
N VAL A 154 -19.01 -10.53 -13.58
CA VAL A 154 -18.20 -10.06 -12.47
C VAL A 154 -18.52 -8.60 -12.30
N LYS A 155 -18.61 -8.17 -11.05
CA LYS A 155 -18.63 -6.76 -10.73
C LYS A 155 -17.26 -6.46 -10.17
N ASP A 156 -16.51 -5.57 -10.81
CA ASP A 156 -15.13 -5.26 -10.36
C ASP A 156 -15.08 -3.84 -9.77
N THR A 157 -14.91 -3.76 -8.46
CA THR A 157 -14.84 -2.46 -7.78
C THR A 157 -13.39 -2.28 -7.48
N ILE A 158 -12.74 -1.52 -8.33
CA ILE A 158 -11.29 -1.29 -8.26
C ILE A 158 -11.11 -0.03 -9.14
N GLU A 159 -10.16 0.84 -8.85
CA GLU A 159 -10.08 2.05 -9.72
C GLU A 159 -9.31 1.76 -11.10
N ASN A 160 -8.59 0.64 -11.10
CA ASN A 160 -7.76 0.14 -12.21
C ASN A 160 -8.54 -0.49 -13.35
N ILE A 161 -8.82 0.26 -14.41
CA ILE A 161 -9.61 -0.32 -15.48
C ILE A 161 -8.89 -1.43 -16.29
N ILE A 162 -7.56 -1.50 -16.19
CA ILE A 162 -6.82 -2.55 -16.85
C ILE A 162 -7.25 -3.87 -16.21
N HIS A 163 -7.36 -3.85 -14.89
CA HIS A 163 -7.78 -5.02 -14.12
C HIS A 163 -9.17 -5.50 -14.59
N THR A 164 -10.07 -4.56 -14.77
CA THR A 164 -11.41 -4.92 -15.16
C THR A 164 -11.40 -5.50 -16.60
N LEU A 165 -10.71 -4.81 -17.50
CA LEU A 165 -10.62 -5.25 -18.89
C LEU A 165 -10.04 -6.68 -18.96
N ASP A 166 -9.14 -7.04 -18.03
CA ASP A 166 -8.56 -8.36 -18.07
C ASP A 166 -9.61 -9.47 -17.89
N TYR A 167 -10.69 -9.24 -17.12
CA TYR A 167 -11.73 -10.29 -17.04
C TYR A 167 -12.24 -10.67 -18.42
N LYS A 168 -12.48 -9.65 -19.25
CA LYS A 168 -12.98 -9.90 -20.62
C LYS A 168 -11.94 -10.56 -21.53
N ARG A 169 -10.71 -10.04 -21.50
CA ARG A 169 -9.57 -10.68 -22.15
C ARG A 169 -9.45 -12.18 -21.82
N LEU A 170 -9.49 -12.52 -20.53
CA LEU A 170 -9.29 -13.94 -20.17
C LEU A 170 -10.56 -14.78 -20.20
N ASN A 171 -11.73 -14.16 -20.19
CA ASN A 171 -12.99 -14.89 -20.12
C ASN A 171 -13.94 -14.19 -21.08
N PRO A 172 -13.75 -14.45 -22.38
CA PRO A 172 -14.51 -13.77 -23.44
C PRO A 172 -16.05 -13.81 -23.28
N ASN A 173 -16.57 -14.86 -22.68
CA ASN A 173 -18.02 -14.99 -22.56
C ASN A 173 -18.61 -14.28 -21.31
N MET A 174 -17.73 -13.82 -20.43
CA MET A 174 -18.12 -13.30 -19.11
C MET A 174 -18.64 -11.88 -19.24
N LEU A 175 -19.73 -11.60 -18.54
CA LEU A 175 -20.27 -10.26 -18.50
C LEU A 175 -19.41 -9.51 -17.43
N VAL A 176 -19.01 -8.28 -17.73
CA VAL A 176 -18.00 -7.61 -16.91
C VAL A 176 -18.48 -6.21 -16.65
N TYR A 177 -18.76 -5.93 -15.37
CA TYR A 177 -19.28 -4.62 -14.93
C TYR A 177 -18.23 -3.97 -14.07
N SER A 178 -18.18 -2.64 -14.13
CA SER A 178 -17.34 -1.89 -13.21
C SER A 178 -18.22 -1.44 -12.04
N GLY A 179 -17.61 -1.40 -10.85
CA GLY A 179 -18.30 -0.99 -9.63
C GLY A 179 -18.24 0.52 -9.47
N SER A 180 -17.78 1.25 -10.48
CA SER A 180 -17.65 2.72 -10.34
C SER A 180 -18.70 3.61 -11.02
N ASP A 181 -19.19 4.63 -10.31
CA ASP A 181 -20.02 5.68 -10.88
C ASP A 181 -19.21 6.61 -11.78
N MET A 182 -17.92 6.77 -11.48
CA MET A 182 -17.11 7.67 -12.24
C MET A 182 -16.70 7.14 -13.61
N LEU A 183 -16.96 5.86 -13.88
CA LEU A 183 -16.52 5.15 -15.11
C LEU A 183 -17.66 4.71 -16.05
N ILE A 184 -18.82 5.35 -15.90
CA ILE A 184 -19.95 4.98 -16.75
C ILE A 184 -19.68 5.33 -18.20
N ALA A 185 -19.27 6.56 -18.49
CA ALA A 185 -19.00 6.93 -19.89
C ALA A 185 -17.89 6.03 -20.41
N THR A 186 -16.89 5.73 -19.57
CA THR A 186 -15.66 5.08 -20.11
C THR A 186 -15.97 3.60 -20.36
N VAL A 187 -16.63 2.96 -19.39
CA VAL A 187 -17.09 1.58 -19.55
C VAL A 187 -17.93 1.33 -20.80
N ALA A 188 -18.87 2.26 -21.06
CA ALA A 188 -19.73 2.20 -22.24
C ALA A 188 -18.94 2.39 -23.53
N SER A 189 -17.91 3.24 -23.51
N SER A 189 -17.90 3.21 -23.53
CA SER A 189 -17.15 3.52 -24.73
CA SER A 189 -17.18 3.48 -24.79
C SER A 189 -16.28 2.35 -25.12
C SER A 189 -16.10 2.48 -25.10
N THR A 190 -15.78 1.63 -24.11
CA THR A 190 -14.66 0.72 -24.28
C THR A 190 -15.03 -0.73 -24.39
N GLY A 191 -16.30 -1.03 -24.66
CA GLY A 191 -16.71 -2.41 -24.90
C GLY A 191 -16.95 -3.28 -23.66
N LEU A 192 -17.13 -2.68 -22.49
CA LEU A 192 -17.51 -3.48 -21.32
C LEU A 192 -19.01 -3.41 -21.11
N ASP A 193 -19.53 -4.24 -20.20
CA ASP A 193 -20.96 -4.50 -20.15
C ASP A 193 -21.81 -3.56 -19.29
N GLY A 194 -21.15 -2.65 -18.53
CA GLY A 194 -21.87 -1.59 -17.82
C GLY A 194 -21.34 -1.42 -16.39
N ASN A 195 -22.17 -0.82 -15.53
CA ASN A 195 -21.72 -0.43 -14.22
C ASN A 195 -22.74 -0.82 -13.19
N VAL A 196 -22.23 -1.29 -12.05
CA VAL A 196 -23.03 -1.43 -10.85
C VAL A 196 -22.71 -0.17 -10.03
N ALA A 197 -23.60 0.80 -10.08
CA ALA A 197 -23.32 2.17 -9.66
C ALA A 197 -24.09 2.59 -8.44
N ALA A 198 -23.41 2.82 -7.29
CA ALA A 198 -24.10 3.26 -6.06
C ALA A 198 -24.94 4.53 -6.30
N GLY A 199 -24.39 5.46 -7.05
CA GLY A 199 -25.01 6.76 -7.25
C GLY A 199 -26.27 6.66 -8.11
N SER A 200 -26.50 5.54 -8.77
CA SER A 200 -27.75 5.37 -9.53
C SER A 200 -28.93 5.18 -8.58
N ASN A 201 -28.67 4.89 -7.27
CA ASN A 201 -29.74 4.93 -6.27
C ASN A 201 -30.47 6.29 -6.23
N TYR A 202 -29.70 7.37 -6.30
CA TYR A 202 -30.28 8.68 -6.09
C TYR A 202 -30.39 9.46 -7.37
N LEU A 203 -29.57 9.12 -8.36
CA LEU A 203 -29.63 9.74 -9.68
C LEU A 203 -29.69 8.72 -10.82
N PRO A 204 -30.68 7.84 -10.81
CA PRO A 204 -30.78 6.87 -11.92
C PRO A 204 -30.88 7.53 -13.29
N GLU A 205 -31.59 8.66 -13.39
CA GLU A 205 -31.72 9.41 -14.67
C GLU A 205 -30.34 9.80 -15.29
N VAL A 206 -29.46 10.33 -14.44
CA VAL A 206 -28.12 10.70 -14.85
C VAL A 206 -27.33 9.47 -15.28
N THR A 207 -27.34 8.40 -14.49
CA THR A 207 -26.49 7.29 -14.87
C THR A 207 -27.00 6.61 -16.15
N VAL A 208 -28.33 6.55 -16.34
CA VAL A 208 -28.89 6.00 -17.56
C VAL A 208 -28.53 6.87 -18.76
N THR A 209 -28.49 8.18 -18.58
CA THR A 209 -28.27 9.12 -19.67
C THR A 209 -26.77 9.15 -20.02
N ILE A 210 -25.87 8.99 -19.02
CA ILE A 210 -24.44 8.91 -19.39
C ILE A 210 -24.18 7.73 -20.32
N LYS A 211 -24.68 6.55 -19.92
CA LYS A 211 -24.70 5.29 -20.70
C LYS A 211 -25.21 5.60 -22.14
N LYS A 212 -26.44 6.09 -22.28
CA LYS A 212 -27.00 6.37 -23.62
C LYS A 212 -26.15 7.34 -24.46
N LEU A 213 -25.74 8.48 -23.88
CA LEU A 213 -24.88 9.38 -24.61
C LEU A 213 -23.66 8.62 -25.16
N ALA A 214 -23.03 7.82 -24.31
CA ALA A 214 -21.80 7.17 -24.70
C ALA A 214 -22.08 6.06 -25.73
N MET A 215 -23.24 5.41 -25.61
N MET A 215 -23.25 5.46 -25.68
CA MET A 215 -23.70 4.39 -26.56
CA MET A 215 -23.57 4.41 -26.66
C MET A 215 -23.77 4.96 -28.02
C MET A 215 -23.91 4.92 -28.07
N GLU A 216 -24.17 6.23 -28.12
CA GLU A 216 -24.43 6.96 -29.36
C GLU A 216 -23.16 7.68 -29.81
N ARG A 217 -22.02 7.34 -29.19
CA ARG A 217 -20.71 7.92 -29.54
C ARG A 217 -20.67 9.43 -29.36
N LYS A 218 -21.53 9.93 -28.47
CA LYS A 218 -21.52 11.32 -28.09
C LYS A 218 -20.60 11.52 -26.85
N ILE A 219 -19.29 11.34 -27.08
CA ILE A 219 -18.36 11.17 -25.95
C ILE A 219 -18.14 12.45 -25.15
N ASP A 220 -18.00 13.59 -25.83
CA ASP A 220 -17.81 14.84 -25.12
C ASP A 220 -19.00 15.17 -24.24
N GLU A 221 -20.20 14.92 -24.77
CA GLU A 221 -21.40 15.16 -23.97
C GLU A 221 -21.50 14.13 -22.82
N ALA A 222 -21.13 12.87 -23.08
CA ALA A 222 -21.19 11.80 -22.07
C ALA A 222 -20.30 12.23 -20.91
N LEU A 223 -19.13 12.73 -21.27
CA LEU A 223 -18.14 13.13 -20.30
C LEU A 223 -18.58 14.35 -19.53
N LYS A 224 -19.27 15.26 -20.20
CA LYS A 224 -19.76 16.48 -19.52
C LYS A 224 -20.65 16.05 -18.37
N LEU A 225 -21.54 15.11 -18.67
CA LEU A 225 -22.51 14.69 -17.69
C LEU A 225 -21.84 13.77 -16.63
N GLN A 226 -20.93 12.88 -17.10
CA GLN A 226 -20.10 12.09 -16.20
C GLN A 226 -19.38 12.99 -15.21
N PHE A 227 -18.83 14.10 -15.68
CA PHE A 227 -18.08 14.99 -14.79
C PHE A 227 -18.99 15.68 -13.73
N LEU A 228 -20.24 15.98 -14.12
CA LEU A 228 -21.25 16.47 -13.16
C LEU A 228 -21.57 15.40 -12.09
N HIS A 229 -21.92 14.22 -12.54
CA HIS A 229 -22.15 13.10 -11.63
C HIS A 229 -20.96 12.86 -10.65
N ASP A 230 -19.73 13.02 -11.13
CA ASP A 230 -18.51 12.89 -10.29
C ASP A 230 -18.49 13.87 -9.11
N GLU A 231 -18.96 15.09 -9.36
CA GLU A 231 -19.09 16.07 -8.28
C GLU A 231 -20.08 15.62 -7.22
N VAL A 232 -21.14 14.94 -7.64
CA VAL A 232 -22.12 14.46 -6.65
C VAL A 232 -21.47 13.31 -5.87
N ILE A 233 -20.81 12.37 -6.56
CA ILE A 233 -20.05 11.29 -5.84
C ILE A 233 -19.11 11.90 -4.82
N GLU A 234 -18.32 12.88 -5.24
CA GLU A 234 -17.37 13.53 -4.34
C GLU A 234 -18.05 14.15 -3.12
N ALA A 235 -19.22 14.79 -3.32
CA ALA A 235 -19.91 15.44 -2.21
C ALA A 235 -20.43 14.37 -1.24
N SER A 236 -20.94 13.27 -1.79
CA SER A 236 -21.43 12.15 -0.97
C SER A 236 -20.31 11.60 -0.03
N ARG A 237 -19.07 11.75 -0.46
CA ARG A 237 -17.94 11.22 0.36
C ARG A 237 -17.58 12.10 1.59
N ILE A 238 -18.02 13.35 1.57
CA ILE A 238 -17.63 14.28 2.64
C ILE A 238 -18.02 13.74 4.01
N PHE A 239 -19.25 13.29 4.18
CA PHE A 239 -19.57 12.80 5.51
C PHE A 239 -19.68 11.29 5.51
N GLY A 240 -19.31 10.63 4.42
CA GLY A 240 -19.44 9.17 4.41
C GLY A 240 -20.49 8.80 3.39
N SER A 241 -20.01 8.22 2.29
CA SER A 241 -20.90 7.91 1.19
C SER A 241 -22.07 7.00 1.55
N LEU A 242 -21.86 6.02 2.42
CA LEU A 242 -22.91 5.02 2.62
C LEU A 242 -24.08 5.62 3.39
N SER A 243 -23.76 6.52 4.32
CA SER A 243 -24.72 7.33 5.07
C SER A 243 -25.33 8.43 4.18
N SER A 244 -24.47 9.08 3.42
CA SER A 244 -24.89 10.12 2.50
C SER A 244 -25.85 9.68 1.38
N ASN A 245 -25.78 8.41 0.96
CA ASN A 245 -26.68 7.90 -0.09
C ASN A 245 -28.17 8.04 0.24
N TYR A 246 -28.48 7.88 1.54
CA TYR A 246 -29.86 7.97 2.04
C TYR A 246 -30.33 9.43 1.80
N VAL A 247 -29.55 10.40 2.26
CA VAL A 247 -29.85 11.81 2.16
C VAL A 247 -30.00 12.22 0.69
N LEU A 248 -29.06 11.80 -0.16
CA LEU A 248 -29.18 12.10 -1.58
C LEU A 248 -30.39 11.50 -2.24
N THR A 249 -30.75 10.26 -1.90
CA THR A 249 -31.92 9.64 -2.52
C THR A 249 -33.19 10.45 -2.17
N LYS A 250 -33.41 10.73 -0.88
CA LYS A 250 -34.54 11.56 -0.47
C LYS A 250 -34.51 12.90 -1.20
N TYR A 251 -33.35 13.54 -1.28
CA TYR A 251 -33.24 14.86 -1.90
C TYR A 251 -33.58 14.83 -3.40
N PHE A 252 -32.99 13.88 -4.13
CA PHE A 252 -33.15 13.83 -5.57
C PHE A 252 -34.40 13.09 -5.97
N GLN A 253 -34.82 12.08 -5.23
CA GLN A 253 -35.95 11.32 -5.70
C GLN A 253 -37.25 11.62 -4.97
N GLY A 254 -37.19 12.30 -3.83
CA GLY A 254 -38.37 12.79 -3.13
C GLY A 254 -39.03 11.90 -2.08
N TYR A 255 -38.54 10.67 -1.85
CA TYR A 255 -39.08 9.80 -0.85
C TYR A 255 -37.90 9.39 0.05
N ASP A 256 -38.15 8.97 1.29
CA ASP A 256 -36.99 8.61 2.12
C ASP A 256 -36.83 7.15 2.30
N LEU A 257 -35.63 6.80 2.72
CA LEU A 257 -35.20 5.41 2.86
C LEU A 257 -34.84 5.14 4.30
N GLY A 258 -35.43 5.93 5.21
CA GLY A 258 -35.21 5.74 6.64
C GLY A 258 -33.76 5.94 7.03
N TYR A 259 -33.20 4.98 7.74
CA TYR A 259 -31.88 5.07 8.39
C TYR A 259 -30.94 4.00 7.84
N PRO A 260 -29.62 4.24 7.88
CA PRO A 260 -28.66 3.14 7.69
C PRO A 260 -28.62 2.31 8.99
N ARG A 261 -27.75 1.33 9.10
CA ARG A 261 -27.60 0.58 10.34
C ARG A 261 -26.24 0.96 10.98
N PRO A 262 -26.27 1.54 12.20
CA PRO A 262 -25.01 1.80 12.95
C PRO A 262 -24.20 0.50 13.10
N PRO A 263 -22.89 0.57 12.96
CA PRO A 263 -22.08 1.82 12.89
C PRO A 263 -21.99 2.62 11.60
N ILE A 264 -22.86 2.33 10.65
CA ILE A 264 -23.08 3.25 9.53
C ILE A 264 -24.15 4.25 10.01
N PHE A 265 -23.70 5.40 10.57
CA PHE A 265 -24.63 6.26 11.32
C PHE A 265 -25.27 7.25 10.36
N PRO A 266 -26.51 7.66 10.63
CA PRO A 266 -27.19 8.60 9.73
C PRO A 266 -26.51 9.94 9.80
N LEU A 267 -26.54 10.73 8.72
CA LEU A 267 -26.02 12.10 8.87
C LEU A 267 -26.92 12.86 9.87
N ASP A 268 -26.37 13.80 10.63
CA ASP A 268 -27.27 14.65 11.43
C ASP A 268 -27.85 15.79 10.58
N ASP A 269 -28.74 16.60 11.17
CA ASP A 269 -29.38 17.72 10.48
C ASP A 269 -28.41 18.65 9.79
N GLU A 270 -27.35 19.04 10.51
CA GLU A 270 -26.41 20.01 9.97
C GLU A 270 -25.58 19.44 8.79
N GLU A 271 -25.19 18.18 8.91
CA GLU A 271 -24.48 17.50 7.83
C GLU A 271 -25.41 17.35 6.64
N GLU A 272 -26.67 16.99 6.89
CA GLU A 272 -27.64 16.96 5.81
C GLU A 272 -27.70 18.31 5.07
N ARG A 273 -27.80 19.40 5.83
CA ARG A 273 -27.89 20.74 5.29
C ARG A 273 -26.64 21.03 4.49
N GLN A 274 -25.46 20.81 5.07
CA GLN A 274 -24.21 21.05 4.36
C GLN A 274 -24.10 20.20 3.07
N LEU A 275 -24.56 18.94 3.14
CA LEU A 275 -24.53 18.05 1.95
C LEU A 275 -25.42 18.64 0.84
N ILE A 276 -26.66 18.97 1.20
CA ILE A 276 -27.59 19.62 0.25
C ILE A 276 -27.00 20.89 -0.42
N LYS A 277 -26.28 21.71 0.34
CA LYS A 277 -25.66 22.92 -0.20
C LYS A 277 -24.66 22.54 -1.26
N LYS A 278 -23.95 21.41 -1.07
CA LYS A 278 -22.93 21.03 -2.06
C LYS A 278 -23.51 20.58 -3.38
N VAL A 279 -24.77 20.13 -3.36
CA VAL A 279 -25.34 19.52 -4.57
C VAL A 279 -26.55 20.31 -5.18
N GLU A 280 -27.04 21.34 -4.50
CA GLU A 280 -28.04 22.30 -5.03
C GLU A 280 -27.78 22.82 -6.42
N GLY A 281 -26.64 23.45 -6.64
CA GLY A 281 -26.29 24.02 -7.94
C GLY A 281 -26.19 22.93 -9.01
N ILE A 282 -25.78 21.72 -8.60
CA ILE A 282 -25.83 20.55 -9.52
C ILE A 282 -27.26 20.09 -9.85
N ARG A 283 -28.14 19.99 -8.86
CA ARG A 283 -29.54 19.72 -9.13
C ARG A 283 -30.07 20.74 -10.16
N ALA A 284 -29.75 22.02 -9.95
CA ALA A 284 -30.19 23.06 -10.85
C ALA A 284 -29.69 22.84 -12.30
N LYS A 285 -28.42 22.47 -12.51
CA LYS A 285 -27.90 22.18 -13.86
C LYS A 285 -28.71 21.05 -14.56
N LEU A 286 -29.11 20.02 -13.78
CA LEU A 286 -29.76 18.83 -14.32
C LEU A 286 -31.21 19.07 -14.70
N VAL A 287 -31.89 19.93 -13.95
CA VAL A 287 -33.26 20.36 -14.28
C VAL A 287 -33.22 21.15 -15.61
N GLU A 288 -32.31 22.11 -15.66
CA GLU A 288 -32.01 22.91 -16.82
C GLU A 288 -31.65 22.07 -18.05
N LEU A 289 -30.91 20.97 -17.86
CA LEU A 289 -30.61 20.04 -18.96
C LEU A 289 -31.78 19.11 -19.27
N LYS A 290 -32.88 19.25 -18.52
CA LYS A 290 -34.05 18.35 -18.64
C LYS A 290 -33.76 16.87 -18.28
N ILE A 291 -32.69 16.62 -17.54
CA ILE A 291 -32.42 15.27 -17.09
C ILE A 291 -33.30 14.94 -15.91
N LEU A 292 -33.46 15.92 -15.04
CA LEU A 292 -34.43 15.86 -13.96
C LEU A 292 -35.57 16.84 -14.24
N LYS A 293 -36.76 16.46 -13.80
CA LYS A 293 -37.91 17.35 -13.62
C LYS A 293 -37.86 18.16 -12.29
N GLU A 294 -39.00 18.57 -11.74
CA GLU A 294 -39.04 19.31 -10.45
C GLU A 294 -39.90 18.64 -9.35
N PRO B 2 25.60 -1.30 22.01
CA PRO B 2 25.07 -0.65 20.76
C PRO B 2 25.70 0.71 20.50
N GLU B 3 25.44 1.21 19.29
CA GLU B 3 26.03 2.46 18.82
C GLU B 3 24.99 3.46 18.33
N ILE B 4 25.35 4.74 18.37
CA ILE B 4 24.58 5.74 17.64
C ILE B 4 25.50 6.18 16.45
N ILE B 5 24.99 6.07 15.22
CA ILE B 5 25.75 6.46 14.08
C ILE B 5 25.01 7.62 13.43
N THR B 6 25.70 8.73 13.09
CA THR B 6 24.99 9.88 12.48
C THR B 6 25.08 9.85 10.93
N PRO B 7 23.93 9.87 10.25
CA PRO B 7 23.92 10.02 8.78
C PRO B 7 24.01 11.54 8.62
N ILE B 8 25.24 11.99 8.45
CA ILE B 8 25.58 13.39 8.58
C ILE B 8 25.02 14.25 7.42
N ILE B 9 24.48 15.40 7.77
CA ILE B 9 23.91 16.35 6.80
C ILE B 9 25.07 16.84 5.93
N THR B 10 24.79 17.03 4.64
CA THR B 10 25.74 17.69 3.76
C THR B 10 25.36 19.20 3.69
N PRO B 11 26.20 20.10 4.20
CA PRO B 11 25.91 21.52 4.08
C PRO B 11 26.32 22.02 2.67
N PHE B 12 25.46 22.85 2.10
CA PHE B 12 25.72 23.46 0.82
C PHE B 12 25.79 24.98 1.00
N THR B 13 26.60 25.60 0.15
CA THR B 13 26.69 27.05 0.06
C THR B 13 25.48 27.56 -0.66
N LYS B 14 25.31 28.89 -0.59
CA LYS B 14 24.35 29.65 -1.37
C LYS B 14 24.42 29.26 -2.86
N ASP B 15 25.62 28.98 -3.37
CA ASP B 15 25.76 28.59 -4.77
C ASP B 15 25.77 27.06 -5.02
N ASN B 16 25.16 26.31 -4.09
CA ASN B 16 24.89 24.86 -4.33
C ASN B 16 26.17 24.01 -4.49
N ARG B 17 27.24 24.33 -3.77
CA ARG B 17 28.36 23.39 -3.71
C ARG B 17 28.51 22.90 -2.27
N ILE B 18 29.20 21.79 -2.06
CA ILE B 18 29.41 21.33 -0.69
C ILE B 18 30.24 22.35 0.10
N ASP B 19 29.79 22.69 1.30
CA ASP B 19 30.58 23.52 2.17
C ASP B 19 31.48 22.68 3.07
N LYS B 20 32.68 22.41 2.59
CA LYS B 20 33.63 21.57 3.29
C LYS B 20 33.94 22.01 4.69
N GLU B 21 34.07 23.31 4.90
CA GLU B 21 34.47 23.71 6.24
C GLU B 21 33.36 23.53 7.23
N LYS B 22 32.14 23.82 6.83
CA LYS B 22 31.02 23.60 7.70
C LYS B 22 30.78 22.12 8.03
N LEU B 23 30.98 21.25 7.04
CA LEU B 23 30.87 19.81 7.21
C LEU B 23 31.86 19.35 8.26
N LYS B 24 33.11 19.83 8.17
CA LYS B 24 34.15 19.45 9.12
C LYS B 24 33.82 19.85 10.55
N ILE B 25 33.26 21.03 10.74
CA ILE B 25 32.89 21.54 12.07
C ILE B 25 31.78 20.66 12.65
N HIS B 26 30.81 20.30 11.84
CA HIS B 26 29.70 19.48 12.30
C HIS B 26 30.20 18.06 12.67
N ALA B 27 30.96 17.43 11.75
CA ALA B 27 31.59 16.13 11.99
C ALA B 27 32.36 16.11 13.32
N GLU B 28 33.15 17.14 13.53
CA GLU B 28 33.99 17.26 14.72
C GLU B 28 33.12 17.33 15.96
N ASN B 29 32.15 18.22 15.95
CA ASN B 29 31.20 18.32 17.06
C ASN B 29 30.47 17.00 17.37
N LEU B 30 30.04 16.29 16.33
CA LEU B 30 29.34 15.02 16.54
C LEU B 30 30.21 14.04 17.31
N ILE B 31 31.44 13.86 16.84
CA ILE B 31 32.38 12.95 17.46
C ILE B 31 32.66 13.33 18.95
N ARG B 32 32.79 14.62 19.18
CA ARG B 32 33.06 15.16 20.51
C ARG B 32 31.92 14.94 21.45
N LYS B 33 30.73 14.86 20.90
CA LYS B 33 29.56 14.62 21.71
C LYS B 33 29.21 13.13 21.82
N GLY B 34 30.09 12.26 21.36
CA GLY B 34 29.99 10.84 21.66
C GLY B 34 29.38 9.97 20.58
N ILE B 35 29.19 10.56 19.40
CA ILE B 35 28.71 9.76 18.28
C ILE B 35 29.77 8.80 17.90
N ASP B 36 29.36 7.53 17.66
CA ASP B 36 30.28 6.46 17.37
C ASP B 36 30.89 6.51 15.96
N LYS B 37 30.03 6.66 14.95
CA LYS B 37 30.45 6.58 13.54
C LYS B 37 29.61 7.57 12.75
N LEU B 38 30.11 7.98 11.58
CA LEU B 38 29.35 8.82 10.66
C LEU B 38 29.07 8.06 9.37
N PHE B 39 27.81 8.02 8.99
CA PHE B 39 27.32 7.39 7.77
C PHE B 39 27.25 8.57 6.69
N VAL B 40 28.07 8.50 5.66
CA VAL B 40 28.31 9.66 4.77
C VAL B 40 27.63 9.46 3.43
N ASN B 41 26.87 10.45 2.92
CA ASN B 41 26.09 10.28 1.65
C ASN B 41 24.84 9.39 1.84
N GLY B 42 24.24 9.44 3.02
CA GLY B 42 22.96 8.75 3.27
C GLY B 42 21.78 9.62 2.83
N THR B 43 20.56 9.19 3.12
CA THR B 43 19.42 10.04 2.82
C THR B 43 19.56 11.43 3.49
N THR B 44 19.90 11.43 4.76
CA THR B 44 19.99 12.70 5.51
C THR B 44 21.05 13.63 4.88
N GLY B 45 22.07 13.03 4.30
CA GLY B 45 23.07 13.83 3.64
C GLY B 45 22.75 14.06 2.16
N LEU B 46 21.52 13.70 1.76
CA LEU B 46 21.05 13.92 0.40
C LEU B 46 21.98 13.20 -0.63
N GLY B 47 22.47 12.03 -0.29
CA GLY B 47 23.32 11.27 -1.21
C GLY B 47 22.76 11.07 -2.61
N PRO B 48 21.48 10.71 -2.81
CA PRO B 48 20.93 10.59 -4.20
C PRO B 48 21.02 11.90 -5.00
N SER B 49 21.09 13.05 -4.32
CA SER B 49 21.25 14.35 -4.99
C SER B 49 22.69 14.72 -5.30
N LEU B 50 23.64 13.88 -4.85
CA LEU B 50 25.05 14.11 -5.05
C LEU B 50 25.58 13.34 -6.25
N SER B 51 26.42 13.98 -7.09
CA SER B 51 27.13 13.23 -8.16
C SER B 51 28.16 12.31 -7.49
N PRO B 52 28.72 11.34 -8.24
CA PRO B 52 29.82 10.52 -7.69
C PRO B 52 31.00 11.39 -7.20
N GLU B 53 31.34 12.46 -7.92
N GLU B 53 31.39 12.47 -7.89
CA GLU B 53 32.38 13.41 -7.50
CA GLU B 53 32.46 13.35 -7.38
C GLU B 53 32.10 14.07 -6.12
C GLU B 53 32.09 14.05 -6.04
N GLU B 54 30.83 14.44 -5.89
CA GLU B 54 30.42 15.05 -4.64
C GLU B 54 30.41 14.04 -3.47
N LYS B 55 30.01 12.78 -3.76
CA LYS B 55 30.04 11.73 -2.77
C LYS B 55 31.46 11.55 -2.28
N LEU B 56 32.39 11.60 -3.22
CA LEU B 56 33.82 11.42 -2.90
C LEU B 56 34.35 12.63 -2.15
N GLU B 57 33.95 13.80 -2.60
CA GLU B 57 34.32 15.02 -1.85
C GLU B 57 33.81 15.00 -0.36
N ASN B 58 32.61 14.45 -0.12
CA ASN B 58 32.11 14.35 1.25
C ASN B 58 33.04 13.43 2.07
N LEU B 59 33.41 12.30 1.50
CA LEU B 59 34.29 11.36 2.14
C LEU B 59 35.61 12.09 2.51
N LYS B 60 36.18 12.81 1.56
CA LYS B 60 37.49 13.43 1.85
C LYS B 60 37.39 14.44 2.96
N ALA B 61 36.37 15.29 2.95
CA ALA B 61 36.28 16.30 3.98
C ALA B 61 36.06 15.62 5.31
N VAL B 62 35.20 14.60 5.35
CA VAL B 62 34.89 14.03 6.65
C VAL B 62 36.11 13.29 7.20
N TYR B 63 36.84 12.61 6.30
CA TYR B 63 38.05 11.91 6.64
C TYR B 63 39.14 12.78 7.32
N ASP B 64 39.17 14.09 7.05
CA ASP B 64 40.04 15.07 7.73
C ASP B 64 39.75 15.08 9.24
N VAL B 65 38.54 14.67 9.64
CA VAL B 65 38.12 14.77 11.03
C VAL B 65 38.21 13.42 11.73
N THR B 66 37.82 12.34 11.06
CA THR B 66 37.75 11.05 11.74
C THR B 66 37.77 9.97 10.69
N ASN B 67 38.31 8.83 11.05
CA ASN B 67 38.23 7.68 10.16
C ASN B 67 37.00 6.77 10.43
N LYS B 68 36.17 7.16 11.40
CA LYS B 68 35.02 6.35 11.78
C LYS B 68 33.84 6.64 10.83
N ILE B 69 34.02 6.20 9.58
CA ILE B 69 33.10 6.58 8.51
C ILE B 69 32.60 5.34 7.81
N ILE B 70 31.29 5.32 7.61
CA ILE B 70 30.70 4.40 6.64
C ILE B 70 30.29 5.24 5.39
N PHE B 71 30.86 4.82 4.26
CA PHE B 71 30.86 5.60 2.99
C PHE B 71 29.81 5.01 2.07
N GLN B 72 28.72 5.72 1.93
CA GLN B 72 27.63 5.26 1.07
C GLN B 72 27.91 5.63 -0.41
N VAL B 73 27.81 4.64 -1.31
CA VAL B 73 28.32 4.90 -2.67
C VAL B 73 27.31 4.60 -3.78
N GLY B 74 26.10 4.17 -3.42
CA GLY B 74 25.21 3.58 -4.45
C GLY B 74 24.62 4.61 -5.42
N GLY B 75 23.98 4.13 -6.49
CA GLY B 75 23.34 5.03 -7.46
C GLY B 75 22.85 4.18 -8.65
N LEU B 76 22.37 4.83 -9.70
CA LEU B 76 21.83 4.12 -10.85
C LEU B 76 22.78 3.91 -12.02
N ASN B 77 24.04 4.25 -11.81
CA ASN B 77 25.14 3.91 -12.70
C ASN B 77 26.11 3.03 -11.92
N LEU B 78 26.07 1.71 -12.15
CA LEU B 78 26.94 0.76 -11.40
C LEU B 78 28.45 1.03 -11.58
N ASP B 79 28.85 1.40 -12.78
CA ASP B 79 30.25 1.80 -12.97
C ASP B 79 30.68 2.88 -12.03
N ASP B 80 29.82 3.88 -11.80
CA ASP B 80 30.22 4.96 -10.92
C ASP B 80 30.29 4.46 -9.44
N ALA B 81 29.43 3.51 -9.09
CA ALA B 81 29.43 3.02 -7.71
C ALA B 81 30.68 2.11 -7.51
N ILE B 82 30.97 1.24 -8.47
CA ILE B 82 32.23 0.49 -8.44
C ILE B 82 33.46 1.40 -8.25
N ARG B 83 33.48 2.50 -9.00
CA ARG B 83 34.56 3.44 -8.95
C ARG B 83 34.70 4.02 -7.53
N LEU B 84 33.56 4.43 -6.96
CA LEU B 84 33.63 4.99 -5.59
C LEU B 84 34.11 3.95 -4.61
N ALA B 85 33.68 2.72 -4.82
CA ALA B 85 34.08 1.68 -3.91
C ALA B 85 35.63 1.45 -3.99
N LYS B 86 36.17 1.40 -5.20
CA LYS B 86 37.60 1.17 -5.40
C LYS B 86 38.41 2.39 -4.93
N LEU B 87 37.89 3.60 -5.13
CA LEU B 87 38.53 4.79 -4.61
C LEU B 87 38.65 4.82 -3.05
N SER B 88 37.79 4.08 -2.33
CA SER B 88 37.82 4.16 -0.87
C SER B 88 38.96 3.33 -0.24
N LYS B 89 39.65 2.58 -1.07
CA LYS B 89 40.80 1.77 -0.70
C LYS B 89 41.87 2.50 0.11
N ASP B 90 42.12 3.75 -0.27
CA ASP B 90 43.14 4.57 0.37
C ASP B 90 42.68 5.29 1.63
N PHE B 91 41.45 5.03 2.06
CA PHE B 91 40.94 5.63 3.26
C PHE B 91 40.75 4.50 4.27
N ASP B 92 41.30 4.70 5.46
CA ASP B 92 41.21 3.70 6.50
C ASP B 92 39.87 3.85 7.28
N ILE B 93 38.77 3.54 6.62
CA ILE B 93 37.43 3.77 7.17
C ILE B 93 36.73 2.48 7.60
N VAL B 94 35.53 2.59 8.10
CA VAL B 94 34.85 1.43 8.65
C VAL B 94 34.31 0.49 7.58
N GLY B 95 33.80 1.07 6.52
CA GLY B 95 33.07 0.28 5.55
C GLY B 95 32.52 1.15 4.43
N ILE B 96 32.08 0.53 3.35
CA ILE B 96 31.21 1.21 2.37
C ILE B 96 29.74 0.70 2.53
N ALA B 97 28.80 1.42 1.90
CA ALA B 97 27.37 1.03 1.97
C ALA B 97 26.69 1.36 0.69
N SER B 98 25.62 0.70 0.39
CA SER B 98 24.79 1.11 -0.70
C SER B 98 23.31 0.84 -0.37
N TYR B 99 22.42 1.75 -0.76
CA TYR B 99 20.98 1.43 -0.83
C TYR B 99 20.80 0.63 -2.13
N ALA B 100 19.64 0.05 -2.28
CA ALA B 100 19.24 -0.59 -3.51
C ALA B 100 19.04 0.47 -4.59
N PRO B 101 19.20 0.07 -5.85
CA PRO B 101 18.86 0.91 -6.99
C PRO B 101 17.43 1.38 -6.84
N TYR B 102 17.22 2.68 -6.85
CA TYR B 102 15.92 3.28 -6.54
C TYR B 102 15.19 3.62 -7.83
N TYR B 103 14.01 4.24 -7.67
CA TYR B 103 13.17 4.75 -8.80
C TYR B 103 12.50 3.61 -9.59
N TYR B 104 13.28 2.72 -10.22
CA TYR B 104 12.67 1.73 -11.09
C TYR B 104 11.90 0.68 -10.29
N PRO B 105 10.58 0.54 -10.51
CA PRO B 105 9.80 -0.50 -9.82
C PRO B 105 9.98 -1.89 -10.45
N ARG B 106 9.63 -2.90 -9.71
CA ARG B 106 9.63 -4.29 -10.22
C ARG B 106 11.06 -4.69 -10.73
N MET B 107 12.13 -4.36 -10.01
CA MET B 107 13.44 -4.99 -10.30
C MET B 107 13.47 -6.41 -9.72
N SER B 108 13.99 -7.37 -10.49
CA SER B 108 13.94 -8.77 -10.06
C SER B 108 14.94 -8.96 -8.96
N GLU B 109 14.64 -9.91 -8.09
CA GLU B 109 15.56 -10.30 -7.04
C GLU B 109 16.96 -10.60 -7.62
N LYS B 110 17.00 -11.25 -8.78
CA LYS B 110 18.27 -11.67 -9.34
C LYS B 110 19.10 -10.46 -9.68
N HIS B 111 18.44 -9.45 -10.24
CA HIS B 111 19.14 -8.21 -10.59
C HIS B 111 19.57 -7.45 -9.34
N LEU B 112 18.77 -7.48 -8.27
CA LEU B 112 19.14 -6.73 -7.04
C LEU B 112 20.34 -7.42 -6.40
N VAL B 113 20.33 -8.74 -6.40
CA VAL B 113 21.41 -9.53 -5.83
C VAL B 113 22.67 -9.22 -6.60
N LYS B 114 22.57 -9.24 -7.94
CA LYS B 114 23.76 -9.04 -8.76
C LYS B 114 24.35 -7.62 -8.56
N TYR B 115 23.49 -6.65 -8.39
CA TYR B 115 23.97 -5.32 -8.03
C TYR B 115 24.83 -5.33 -6.75
N PHE B 116 24.31 -5.85 -5.65
CA PHE B 116 25.11 -5.83 -4.41
C PHE B 116 26.39 -6.74 -4.47
N LYS B 117 26.28 -7.91 -5.09
CA LYS B 117 27.44 -8.85 -5.10
C LYS B 117 28.51 -8.19 -5.94
N THR B 118 28.10 -7.50 -7.01
CA THR B 118 29.10 -6.73 -7.78
C THR B 118 29.83 -5.75 -6.90
N LEU B 119 29.11 -5.01 -6.04
CA LEU B 119 29.82 -4.05 -5.21
C LEU B 119 30.69 -4.80 -4.18
N CYS B 120 30.16 -5.90 -3.65
CA CYS B 120 30.97 -6.75 -2.74
C CYS B 120 32.30 -7.27 -3.36
N GLU B 121 32.27 -7.65 -4.63
CA GLU B 121 33.46 -8.20 -5.30
C GLU B 121 34.49 -7.15 -5.50
N VAL B 122 34.13 -5.86 -5.56
CA VAL B 122 35.20 -4.88 -5.75
C VAL B 122 35.55 -4.14 -4.50
N SER B 123 34.83 -4.40 -3.42
CA SER B 123 35.02 -3.55 -2.23
C SER B 123 36.34 -3.85 -1.50
N PRO B 124 37.14 -2.81 -1.19
CA PRO B 124 38.32 -2.99 -0.34
C PRO B 124 37.96 -2.86 1.14
N HIS B 125 36.68 -2.64 1.45
CA HIS B 125 36.22 -2.59 2.86
C HIS B 125 35.01 -3.44 3.14
N PRO B 126 34.67 -3.66 4.42
CA PRO B 126 33.39 -4.25 4.79
C PRO B 126 32.25 -3.50 4.07
N VAL B 127 31.21 -4.23 3.73
CA VAL B 127 30.08 -3.68 2.96
C VAL B 127 28.84 -3.71 3.82
N TYR B 128 28.17 -2.57 3.92
CA TYR B 128 26.90 -2.44 4.64
C TYR B 128 25.71 -2.28 3.74
N LEU B 129 24.63 -3.02 4.08
CA LEU B 129 23.36 -2.86 3.39
C LEU B 129 22.62 -1.67 3.95
N TYR B 130 22.19 -0.77 3.08
CA TYR B 130 21.27 0.28 3.54
C TYR B 130 19.91 -0.10 2.97
N ASN B 131 19.06 -0.63 3.83
CA ASN B 131 17.75 -1.07 3.37
C ASN B 131 16.71 0.03 3.66
N TYR B 132 16.08 0.55 2.60
CA TYR B 132 15.11 1.64 2.79
C TYR B 132 13.96 1.43 1.82
N PRO B 133 13.01 0.55 2.13
CA PRO B 133 11.94 0.24 1.15
C PRO B 133 11.09 1.45 0.66
N THR B 134 10.62 2.32 1.56
CA THR B 134 9.78 3.44 1.11
C THR B 134 10.54 4.34 0.09
N ALA B 135 11.77 4.73 0.41
CA ALA B 135 12.55 5.56 -0.51
C ALA B 135 12.94 4.86 -1.86
N THR B 136 13.35 3.57 -1.79
CA THR B 136 13.95 2.96 -3.00
C THR B 136 12.95 2.16 -3.76
N GLY B 137 11.84 1.83 -3.13
CA GLY B 137 10.85 1.02 -3.81
C GLY B 137 11.06 -0.49 -3.72
N LYS B 138 12.11 -0.96 -3.04
CA LYS B 138 12.48 -2.39 -3.04
C LYS B 138 12.84 -2.76 -1.62
N ASP B 139 12.57 -3.99 -1.25
CA ASP B 139 13.00 -4.44 0.07
C ASP B 139 14.11 -5.48 -0.10
N ILE B 140 15.22 -5.30 0.60
CA ILE B 140 16.28 -6.32 0.60
C ILE B 140 16.25 -6.95 2.01
N ASP B 141 15.38 -7.95 2.17
CA ASP B 141 15.09 -8.46 3.51
C ASP B 141 16.22 -9.38 4.04
N ALA B 142 16.04 -9.91 5.26
CA ALA B 142 17.07 -10.74 5.86
C ALA B 142 17.42 -11.96 4.98
N LYS B 143 16.42 -12.54 4.33
CA LYS B 143 16.65 -13.70 3.47
C LYS B 143 17.48 -13.28 2.24
N VAL B 144 17.13 -12.17 1.60
CA VAL B 144 17.88 -11.69 0.42
C VAL B 144 19.24 -11.25 0.83
N ALA B 145 19.38 -10.69 2.03
CA ALA B 145 20.68 -10.31 2.58
C ALA B 145 21.58 -11.55 2.78
N LYS B 146 21.02 -12.60 3.39
CA LYS B 146 21.74 -13.87 3.51
C LYS B 146 22.13 -14.42 2.11
N GLU B 147 21.20 -14.43 1.16
CA GLU B 147 21.55 -14.80 -0.21
C GLU B 147 22.76 -13.97 -0.80
N ILE B 148 22.77 -12.64 -0.60
CA ILE B 148 23.84 -11.86 -1.14
C ILE B 148 25.14 -12.31 -0.46
N GLY B 149 25.12 -12.43 0.86
CA GLY B 149 26.16 -13.16 1.56
C GLY B 149 27.42 -12.44 1.95
N CYS B 150 27.51 -11.14 1.71
CA CYS B 150 28.76 -10.46 1.90
C CYS B 150 28.61 -9.18 2.77
N PHE B 151 27.46 -8.99 3.41
CA PHE B 151 27.20 -7.81 4.26
C PHE B 151 27.76 -8.05 5.63
N THR B 152 28.60 -7.13 6.09
CA THR B 152 29.03 -7.03 7.47
C THR B 152 27.95 -6.46 8.37
N GLY B 153 27.04 -5.67 7.81
CA GLY B 153 25.96 -5.11 8.64
C GLY B 153 24.88 -4.46 7.78
N VAL B 154 23.81 -3.96 8.42
CA VAL B 154 22.66 -3.48 7.69
C VAL B 154 22.11 -2.32 8.48
N LYS B 155 21.62 -1.31 7.75
CA LYS B 155 20.82 -0.25 8.30
C LYS B 155 19.46 -0.44 7.72
N ASP B 156 18.52 -0.73 8.59
CA ASP B 156 17.14 -1.02 8.19
C ASP B 156 16.22 0.16 8.59
N THR B 157 15.77 0.88 7.57
CA THR B 157 14.92 2.04 7.77
C THR B 157 13.55 1.58 7.37
N ILE B 158 12.81 1.16 8.38
CA ILE B 158 11.49 0.57 8.27
C ILE B 158 10.91 0.64 9.71
N GLU B 159 9.61 0.78 9.84
CA GLU B 159 9.02 0.93 11.20
C GLU B 159 8.78 -0.46 11.88
N ASN B 160 8.87 -1.48 11.04
CA ASN B 160 8.58 -2.84 11.52
C ASN B 160 9.85 -3.48 12.07
N ILE B 161 9.99 -3.44 13.39
CA ILE B 161 11.15 -4.00 14.06
C ILE B 161 11.25 -5.55 13.91
N ILE B 162 10.11 -6.25 13.71
CA ILE B 162 10.19 -7.71 13.32
C ILE B 162 11.16 -7.92 12.14
N HIS B 163 11.00 -7.09 11.11
CA HIS B 163 11.85 -7.12 9.92
C HIS B 163 13.32 -6.88 10.26
N THR B 164 13.59 -5.95 11.19
CA THR B 164 14.98 -5.66 11.57
C THR B 164 15.57 -6.79 12.43
N LEU B 165 14.79 -7.29 13.40
CA LEU B 165 15.25 -8.46 14.16
C LEU B 165 15.55 -9.64 13.23
N ASP B 166 14.77 -9.80 12.17
CA ASP B 166 15.05 -10.94 11.26
C ASP B 166 16.46 -10.98 10.71
N TYR B 167 17.10 -9.82 10.51
CA TYR B 167 18.49 -9.83 9.97
C TYR B 167 19.38 -10.58 10.96
N LYS B 168 19.24 -10.27 12.25
CA LYS B 168 19.98 -10.96 13.32
C LYS B 168 19.64 -12.44 13.32
N ARG B 169 18.36 -12.77 13.22
CA ARG B 169 17.92 -14.14 13.25
C ARG B 169 18.54 -14.97 12.14
N LEU B 170 18.46 -14.47 10.90
CA LEU B 170 19.00 -15.23 9.78
C LEU B 170 20.51 -15.02 9.57
N ASN B 171 21.07 -13.93 10.10
CA ASN B 171 22.50 -13.67 9.92
C ASN B 171 23.14 -13.32 11.26
N PRO B 172 23.37 -14.32 12.16
CA PRO B 172 23.77 -13.97 13.55
C PRO B 172 25.05 -13.17 13.68
N ASN B 173 25.96 -13.19 12.71
CA ASN B 173 27.19 -12.40 12.87
C ASN B 173 27.04 -10.98 12.32
N MET B 174 25.90 -10.66 11.69
CA MET B 174 25.71 -9.35 11.05
C MET B 174 25.45 -8.28 12.11
N LEU B 175 26.07 -7.11 11.90
CA LEU B 175 25.71 -5.92 12.63
C LEU B 175 24.36 -5.40 12.12
N VAL B 176 23.45 -5.21 13.06
CA VAL B 176 22.12 -4.83 12.69
C VAL B 176 21.68 -3.50 13.34
N TYR B 177 21.46 -2.49 12.49
CA TYR B 177 21.06 -1.16 12.95
C TYR B 177 19.68 -0.81 12.46
N SER B 178 18.95 -0.06 13.29
CA SER B 178 17.66 0.53 12.84
C SER B 178 17.95 1.95 12.31
N GLY B 179 17.22 2.37 11.26
CA GLY B 179 17.30 3.75 10.83
C GLY B 179 16.30 4.68 11.53
N SER B 180 15.68 4.27 12.64
CA SER B 180 14.70 5.14 13.29
C SER B 180 15.28 5.89 14.49
N ASP B 181 15.01 7.20 14.56
CA ASP B 181 15.24 7.91 15.79
C ASP B 181 14.25 7.47 16.88
N MET B 182 13.07 7.00 16.49
CA MET B 182 12.04 6.73 17.48
C MET B 182 12.21 5.36 18.18
N LEU B 183 13.20 4.60 17.72
CA LEU B 183 13.42 3.22 18.22
C LEU B 183 14.78 3.07 18.95
N ILE B 184 15.39 4.20 19.31
CA ILE B 184 16.67 4.11 20.03
C ILE B 184 16.59 3.35 21.37
N ALA B 185 15.64 3.70 22.23
CA ALA B 185 15.50 2.96 23.49
C ALA B 185 15.19 1.49 23.19
N THR B 186 14.29 1.24 22.23
CA THR B 186 13.82 -0.12 21.99
C THR B 186 14.94 -1.00 21.44
N VAL B 187 15.65 -0.48 20.41
CA VAL B 187 16.71 -1.23 19.75
C VAL B 187 17.81 -1.63 20.79
N ALA B 188 18.21 -0.69 21.63
CA ALA B 188 19.22 -0.97 22.64
C ALA B 188 18.70 -2.02 23.62
N SER B 189 17.42 -1.97 23.93
N SER B 189 17.41 -1.98 23.92
CA SER B 189 16.84 -2.85 24.94
CA SER B 189 16.86 -2.85 24.96
C SER B 189 16.78 -4.28 24.44
C SER B 189 16.60 -4.25 24.46
N THR B 190 16.55 -4.42 23.15
CA THR B 190 16.18 -5.73 22.61
C THR B 190 17.36 -6.50 22.00
N GLY B 191 18.58 -6.04 22.20
CA GLY B 191 19.75 -6.82 21.75
C GLY B 191 20.19 -6.58 20.28
N LEU B 192 19.76 -5.45 19.70
CA LEU B 192 20.26 -4.98 18.39
C LEU B 192 21.47 -4.05 18.57
N ASP B 193 22.09 -3.65 17.45
CA ASP B 193 23.41 -3.04 17.54
C ASP B 193 23.42 -1.54 17.56
N GLY B 194 22.25 -0.91 17.43
CA GLY B 194 22.17 0.53 17.48
C GLY B 194 21.30 1.17 16.38
N ASN B 195 21.47 2.46 16.20
CA ASN B 195 20.64 3.24 15.30
C ASN B 195 21.50 4.17 14.49
N VAL B 196 21.17 4.28 13.21
CA VAL B 196 21.65 5.36 12.35
C VAL B 196 20.53 6.43 12.32
N ALA B 197 20.73 7.48 13.11
CA ALA B 197 19.63 8.31 13.51
C ALA B 197 19.79 9.74 12.95
N ALA B 198 18.88 10.14 12.08
CA ALA B 198 18.96 11.47 11.47
C ALA B 198 18.99 12.57 12.56
N GLY B 199 18.22 12.38 13.63
CA GLY B 199 18.07 13.40 14.69
C GLY B 199 19.35 13.52 15.54
N SER B 200 20.29 12.57 15.41
CA SER B 200 21.55 12.72 16.15
C SER B 200 22.41 13.86 15.55
N ASN B 201 22.06 14.37 14.35
CA ASN B 201 22.71 15.52 13.80
C ASN B 201 22.51 16.72 14.71
N TYR B 202 21.30 16.89 15.23
CA TYR B 202 20.96 18.11 15.99
C TYR B 202 20.86 17.90 17.45
N LEU B 203 20.55 16.68 17.89
CA LEU B 203 20.56 16.33 19.35
C LEU B 203 21.39 15.10 19.59
N PRO B 204 22.68 15.13 19.23
CA PRO B 204 23.53 13.96 19.47
C PRO B 204 23.52 13.55 20.96
N GLU B 205 23.51 14.54 21.85
CA GLU B 205 23.57 14.26 23.27
C GLU B 205 22.30 13.49 23.69
N VAL B 206 21.14 13.87 23.15
CA VAL B 206 19.91 13.13 23.48
C VAL B 206 19.95 11.67 23.01
N THR B 207 20.34 11.45 21.74
CA THR B 207 20.38 10.09 21.22
C THR B 207 21.37 9.19 21.99
N VAL B 208 22.54 9.74 22.35
CA VAL B 208 23.52 8.94 23.11
C VAL B 208 23.04 8.68 24.54
N THR B 209 22.37 9.63 25.16
CA THR B 209 21.81 9.37 26.50
C THR B 209 20.65 8.33 26.52
N ILE B 210 19.75 8.39 25.54
CA ILE B 210 18.71 7.37 25.42
C ILE B 210 19.39 6.02 25.41
N LYS B 211 20.40 5.88 24.53
CA LYS B 211 21.08 4.59 24.36
C LYS B 211 21.68 4.14 25.70
N LYS B 212 22.33 5.05 26.41
CA LYS B 212 23.00 4.71 27.66
C LYS B 212 21.99 4.35 28.74
N LEU B 213 20.89 5.11 28.86
CA LEU B 213 19.84 4.78 29.82
C LEU B 213 19.26 3.37 29.57
N ALA B 214 19.05 3.06 28.30
CA ALA B 214 18.48 1.77 27.91
C ALA B 214 19.47 0.66 28.29
N MET B 215 20.74 0.87 27.94
N MET B 215 20.74 0.85 27.99
CA MET B 215 21.84 -0.04 28.27
CA MET B 215 21.78 -0.14 28.30
C MET B 215 21.90 -0.34 29.77
C MET B 215 22.07 -0.31 29.81
N GLU B 216 21.76 0.72 30.59
CA GLU B 216 21.67 0.58 32.05
C GLU B 216 20.38 -0.07 32.54
N ARG B 217 19.50 -0.45 31.60
CA ARG B 217 18.19 -1.04 31.94
C ARG B 217 17.28 -0.07 32.67
N LYS B 218 17.53 1.24 32.60
CA LYS B 218 16.60 2.22 33.12
C LYS B 218 15.56 2.50 32.03
N ILE B 219 14.72 1.49 31.75
CA ILE B 219 13.81 1.62 30.61
C ILE B 219 12.88 2.84 30.71
N ASP B 220 12.27 3.07 31.88
CA ASP B 220 11.31 4.14 32.01
C ASP B 220 11.94 5.53 31.73
N GLU B 221 13.14 5.73 32.23
CA GLU B 221 13.92 6.93 32.02
C GLU B 221 14.33 7.01 30.57
N ALA B 222 14.70 5.89 29.97
CA ALA B 222 15.10 5.95 28.57
C ALA B 222 13.88 6.33 27.71
N LEU B 223 12.71 5.79 28.05
CA LEU B 223 11.51 6.07 27.28
C LEU B 223 11.02 7.51 27.36
N LYS B 224 11.09 8.05 28.58
CA LYS B 224 10.81 9.45 28.83
C LYS B 224 11.65 10.29 27.87
N LEU B 225 12.94 10.01 27.78
CA LEU B 225 13.77 10.82 26.90
C LEU B 225 13.47 10.52 25.43
N GLN B 226 13.31 9.21 25.13
CA GLN B 226 12.91 8.82 23.78
C GLN B 226 11.63 9.56 23.32
N PHE B 227 10.63 9.66 24.21
CA PHE B 227 9.37 10.30 23.91
C PHE B 227 9.55 11.81 23.66
N LEU B 228 10.44 12.46 24.39
CA LEU B 228 10.76 13.86 24.09
C LEU B 228 11.41 13.96 22.74
N HIS B 229 12.36 13.06 22.47
CA HIS B 229 13.05 13.08 21.16
C HIS B 229 12.05 12.90 20.01
N ASP B 230 11.09 12.00 20.19
CA ASP B 230 10.03 11.79 19.20
C ASP B 230 9.28 13.09 18.82
N GLU B 231 8.98 13.90 19.81
CA GLU B 231 8.32 15.20 19.58
C GLU B 231 9.18 16.10 18.67
N VAL B 232 10.49 16.13 18.85
CA VAL B 232 11.34 16.94 17.94
C VAL B 232 11.30 16.40 16.49
N ILE B 233 11.39 15.07 16.32
CA ILE B 233 11.22 14.40 15.03
C ILE B 233 9.88 14.80 14.38
N GLU B 234 8.78 14.66 15.12
CA GLU B 234 7.47 15.10 14.63
C GLU B 234 7.47 16.56 14.24
N ALA B 235 8.05 17.41 15.08
CA ALA B 235 8.12 18.83 14.72
C ALA B 235 8.88 18.98 13.38
N SER B 236 9.96 18.19 13.19
CA SER B 236 10.83 18.41 12.03
C SER B 236 10.06 18.06 10.76
N ARG B 237 9.09 17.17 10.91
CA ARG B 237 8.26 16.75 9.77
C ARG B 237 7.21 17.79 9.27
N ILE B 238 6.90 18.78 10.08
CA ILE B 238 5.91 19.81 9.66
C ILE B 238 6.22 20.44 8.32
N PHE B 239 7.44 20.91 8.13
CA PHE B 239 7.80 21.63 6.92
C PHE B 239 8.72 20.80 6.06
N GLY B 240 9.01 19.59 6.52
CA GLY B 240 9.80 18.65 5.72
C GLY B 240 11.07 18.36 6.48
N SER B 241 11.29 17.09 6.83
CA SER B 241 12.37 16.81 7.75
C SER B 241 13.77 17.10 7.19
N LEU B 242 14.02 16.78 5.92
CA LEU B 242 15.34 16.94 5.40
C LEU B 242 15.78 18.39 5.42
N SER B 243 14.83 19.30 5.17
CA SER B 243 15.08 20.75 5.21
C SER B 243 15.20 21.21 6.65
N SER B 244 14.29 20.72 7.47
CA SER B 244 14.26 21.14 8.87
C SER B 244 15.51 20.78 9.62
N ASN B 245 16.15 19.67 9.23
CA ASN B 245 17.32 19.16 9.99
C ASN B 245 18.37 20.27 10.09
N TYR B 246 18.43 21.10 9.04
CA TYR B 246 19.44 22.18 8.97
C TYR B 246 19.12 23.16 10.07
N VAL B 247 17.85 23.58 10.14
CA VAL B 247 17.41 24.62 11.08
C VAL B 247 17.55 24.09 12.52
N LEU B 248 17.20 22.83 12.74
CA LEU B 248 17.34 22.29 14.11
C LEU B 248 18.79 22.17 14.59
N THR B 249 19.70 21.89 13.66
CA THR B 249 21.10 21.71 14.05
C THR B 249 21.67 23.08 14.50
N LYS B 250 21.37 24.13 13.74
CA LYS B 250 21.82 25.47 14.09
C LYS B 250 21.14 25.86 15.36
N TYR B 251 19.87 25.52 15.51
CA TYR B 251 19.19 25.87 16.75
C TYR B 251 19.79 25.19 17.97
N PHE B 252 19.93 23.86 17.92
CA PHE B 252 20.38 23.12 19.11
C PHE B 252 21.91 23.12 19.28
N GLN B 253 22.67 23.13 18.17
CA GLN B 253 24.09 22.99 18.28
C GLN B 253 24.84 24.31 18.12
N GLY B 254 24.18 25.35 17.64
CA GLY B 254 24.82 26.65 17.67
C GLY B 254 25.69 26.99 16.50
N TYR B 255 25.86 26.12 15.51
CA TYR B 255 26.55 26.52 14.28
C TYR B 255 25.63 26.27 13.06
N ASP B 256 25.92 26.87 11.91
CA ASP B 256 25.00 26.56 10.79
C ASP B 256 25.58 25.60 9.78
N LEU B 257 24.66 24.98 9.05
CA LEU B 257 24.98 24.00 8.02
C LEU B 257 24.51 24.51 6.68
N GLY B 258 24.40 25.84 6.52
CA GLY B 258 24.18 26.40 5.19
C GLY B 258 22.81 26.03 4.63
N TYR B 259 22.80 25.50 3.41
CA TYR B 259 21.56 25.30 2.64
C TYR B 259 21.49 23.80 2.25
N PRO B 260 20.28 23.24 2.15
CA PRO B 260 20.09 21.96 1.48
C PRO B 260 20.19 22.16 -0.04
N ARG B 261 20.06 21.10 -0.82
CA ARG B 261 20.09 21.25 -2.28
C ARG B 261 18.68 21.07 -2.84
N PRO B 262 18.06 22.14 -3.35
CA PRO B 262 16.74 22.07 -4.05
C PRO B 262 16.69 20.95 -5.11
N PRO B 263 15.60 20.19 -5.27
CA PRO B 263 14.27 20.39 -4.62
C PRO B 263 14.08 20.10 -3.12
N ILE B 264 15.14 19.84 -2.36
CA ILE B 264 15.04 19.95 -0.90
C ILE B 264 15.23 21.40 -0.54
N PHE B 265 14.15 22.15 -0.41
CA PHE B 265 14.31 23.61 -0.37
C PHE B 265 14.49 24.03 1.07
N PRO B 266 15.28 25.09 1.33
CA PRO B 266 15.45 25.58 2.71
C PRO B 266 14.16 26.05 3.32
N LEU B 267 13.98 25.94 4.65
CA LEU B 267 12.83 26.60 5.27
C LEU B 267 12.97 28.12 5.07
N ASP B 268 11.84 28.81 4.94
CA ASP B 268 11.90 30.30 5.01
C ASP B 268 11.99 30.82 6.47
N ASP B 269 12.26 32.12 6.61
CA ASP B 269 12.26 32.76 7.91
C ASP B 269 11.03 32.40 8.74
N GLU B 270 9.84 32.50 8.13
CA GLU B 270 8.61 32.24 8.90
C GLU B 270 8.48 30.75 9.33
N GLU B 271 8.83 29.85 8.42
CA GLU B 271 8.78 28.40 8.72
C GLU B 271 9.80 28.13 9.84
N GLU B 272 10.99 28.72 9.75
CA GLU B 272 12.01 28.59 10.81
C GLU B 272 11.48 29.06 12.19
N ARG B 273 10.90 30.25 12.22
CA ARG B 273 10.25 30.77 13.45
C ARG B 273 9.24 29.79 13.98
N GLN B 274 8.39 29.26 13.11
CA GLN B 274 7.35 28.34 13.54
C GLN B 274 7.89 27.01 14.10
N LEU B 275 8.96 26.50 13.47
CA LEU B 275 9.61 25.25 13.90
C LEU B 275 10.24 25.44 15.29
N ILE B 276 10.97 26.54 15.45
CA ILE B 276 11.60 26.86 16.74
C ILE B 276 10.55 26.95 17.83
N LYS B 277 9.41 27.55 17.53
CA LYS B 277 8.36 27.66 18.53
C LYS B 277 7.79 26.31 18.90
N LYS B 278 7.86 25.37 17.98
CA LYS B 278 7.40 24.02 18.26
C LYS B 278 8.37 23.26 19.15
N VAL B 279 9.67 23.59 19.11
CA VAL B 279 10.66 22.81 19.90
C VAL B 279 11.24 23.56 21.15
N GLU B 280 10.90 24.84 21.27
CA GLU B 280 11.30 25.66 22.42
C GLU B 280 11.01 25.06 23.75
N GLY B 281 9.76 24.66 23.92
CA GLY B 281 9.40 24.04 25.17
C GLY B 281 10.11 22.71 25.37
N ILE B 282 10.49 22.03 24.29
CA ILE B 282 11.22 20.76 24.46
C ILE B 282 12.64 21.08 24.90
N ARG B 283 13.22 22.10 24.30
N ARG B 283 13.22 22.10 24.29
CA ARG B 283 14.56 22.51 24.70
CA ARG B 283 14.56 22.54 24.70
C ARG B 283 14.60 22.82 26.19
C ARG B 283 14.57 22.78 26.20
N ALA B 284 13.54 23.48 26.69
CA ALA B 284 13.48 23.84 28.14
C ALA B 284 13.48 22.59 29.02
N LYS B 285 12.71 21.57 28.61
CA LYS B 285 12.67 20.28 29.30
C LYS B 285 14.07 19.65 29.32
N LEU B 286 14.78 19.77 28.20
CA LEU B 286 16.09 19.11 28.03
C LEU B 286 17.12 19.77 28.95
N VAL B 287 17.03 21.10 29.05
CA VAL B 287 17.87 21.91 29.96
C VAL B 287 17.60 21.54 31.42
N GLU B 288 16.32 21.43 31.73
CA GLU B 288 15.91 21.04 33.05
C GLU B 288 16.37 19.61 33.37
N LEU B 289 16.45 18.75 32.35
CA LEU B 289 17.00 17.42 32.59
C LEU B 289 18.52 17.40 32.57
N LYS B 290 19.17 18.56 32.45
CA LYS B 290 20.64 18.67 32.36
C LYS B 290 21.27 17.93 31.12
N ILE B 291 20.46 17.64 30.13
CA ILE B 291 21.00 17.20 28.84
C ILE B 291 21.63 18.31 27.99
N LEU B 292 21.02 19.49 28.02
CA LEU B 292 21.51 20.64 27.26
C LEU B 292 21.86 21.73 28.25
N LYS B 293 22.84 22.57 27.93
CA LYS B 293 23.11 23.76 28.78
C LYS B 293 22.17 24.94 28.46
N GLU B 294 21.81 25.69 29.51
CA GLU B 294 21.43 27.12 29.45
C GLU B 294 21.00 27.85 30.77
N PRO C 2 -6.29 11.29 -31.10
CA PRO C 2 -5.27 10.93 -30.06
C PRO C 2 -3.95 10.51 -30.71
N GLU C 3 -2.91 10.43 -29.89
CA GLU C 3 -1.52 10.26 -30.40
C GLU C 3 -1.03 8.99 -29.79
N ILE C 4 -0.09 8.31 -30.45
CA ILE C 4 0.84 7.41 -29.76
C ILE C 4 2.21 8.10 -29.62
N ILE C 5 2.76 8.17 -28.41
CA ILE C 5 4.04 8.83 -28.18
C ILE C 5 5.03 7.76 -27.66
N THR C 6 6.23 7.68 -28.28
CA THR C 6 7.18 6.67 -27.82
C THR C 6 8.14 7.26 -26.81
N PRO C 7 8.17 6.68 -25.62
CA PRO C 7 9.23 7.02 -24.68
C PRO C 7 10.39 6.16 -25.16
N ILE C 8 11.24 6.78 -25.94
CA ILE C 8 12.27 6.08 -26.62
C ILE C 8 13.38 5.50 -25.69
N ILE C 9 13.71 4.26 -25.98
CA ILE C 9 14.82 3.55 -25.37
C ILE C 9 16.15 4.25 -25.69
N THR C 10 17.02 4.25 -24.69
CA THR C 10 18.39 4.74 -24.84
C THR C 10 19.28 3.49 -25.02
N PRO C 11 19.81 3.30 -26.24
CA PRO C 11 20.72 2.17 -26.46
C PRO C 11 22.07 2.55 -25.89
N PHE C 12 22.63 1.68 -25.11
CA PHE C 12 24.01 1.88 -24.59
C PHE C 12 24.98 1.00 -25.35
N THR C 13 26.20 1.46 -25.50
CA THR C 13 27.21 0.61 -26.12
C THR C 13 27.68 -0.48 -25.14
N LYS C 14 28.54 -1.36 -25.62
CA LYS C 14 29.17 -2.35 -24.77
C LYS C 14 30.02 -1.67 -23.67
N ASP C 15 30.56 -0.47 -23.89
CA ASP C 15 31.22 0.19 -22.76
C ASP C 15 30.36 1.27 -22.12
N ASN C 16 29.05 1.07 -22.13
CA ASN C 16 28.18 1.86 -21.22
C ASN C 16 28.09 3.34 -21.56
N ARG C 17 28.13 3.66 -22.85
CA ARG C 17 27.89 5.01 -23.36
C ARG C 17 26.68 5.01 -24.26
N ILE C 18 26.08 6.19 -24.44
CA ILE C 18 24.94 6.26 -25.37
C ILE C 18 25.37 5.88 -26.81
N ASP C 19 24.72 4.92 -27.42
CA ASP C 19 25.06 4.64 -28.82
C ASP C 19 24.25 5.60 -29.71
N LYS C 20 24.79 6.77 -30.06
CA LYS C 20 24.03 7.74 -30.90
C LYS C 20 23.46 7.25 -32.23
N GLU C 21 24.23 6.39 -32.90
CA GLU C 21 23.86 5.92 -34.24
C GLU C 21 22.67 5.00 -34.14
N LYS C 22 22.69 4.08 -33.17
CA LYS C 22 21.56 3.16 -32.99
C LYS C 22 20.26 3.92 -32.56
N LEU C 23 20.41 4.95 -31.76
CA LEU C 23 19.30 5.78 -31.29
C LEU C 23 18.65 6.53 -32.51
N LYS C 24 19.48 7.20 -33.32
CA LYS C 24 19.00 7.76 -34.62
C LYS C 24 18.29 6.71 -35.48
N ILE C 25 18.83 5.51 -35.61
CA ILE C 25 18.18 4.48 -36.46
C ILE C 25 16.78 4.11 -35.88
N HIS C 26 16.73 4.10 -34.54
CA HIS C 26 15.50 3.70 -33.84
C HIS C 26 14.49 4.79 -34.03
N ALA C 27 14.90 6.04 -33.79
CA ALA C 27 14.02 7.19 -33.92
C ALA C 27 13.42 7.34 -35.36
N GLU C 28 14.18 6.94 -36.40
CA GLU C 28 13.78 7.14 -37.81
C GLU C 28 12.70 6.18 -38.05
N ASN C 29 12.92 4.95 -37.58
CA ASN C 29 11.95 3.91 -37.78
C ASN C 29 10.61 4.17 -37.06
N LEU C 30 10.68 4.62 -35.81
CA LEU C 30 9.47 5.02 -35.06
C LEU C 30 8.70 6.09 -35.87
N ILE C 31 9.35 7.17 -36.25
CA ILE C 31 8.68 8.22 -37.00
C ILE C 31 8.11 7.68 -38.33
N ARG C 32 8.86 6.81 -39.00
CA ARG C 32 8.43 6.25 -40.28
C ARG C 32 7.18 5.41 -40.12
N LYS C 33 7.10 4.72 -38.99
CA LYS C 33 6.00 3.84 -38.75
C LYS C 33 4.76 4.53 -38.18
N GLY C 34 4.80 5.86 -38.11
CA GLY C 34 3.61 6.57 -37.74
C GLY C 34 3.47 7.02 -36.30
N ILE C 35 4.54 6.88 -35.48
CA ILE C 35 4.53 7.43 -34.11
C ILE C 35 4.49 8.95 -34.16
N ASP C 36 3.63 9.54 -33.32
CA ASP C 36 3.45 11.00 -33.30
C ASP C 36 4.61 11.84 -32.75
N LYS C 37 5.17 11.41 -31.61
CA LYS C 37 6.21 12.20 -30.93
C LYS C 37 7.08 11.31 -30.08
N LEU C 38 8.22 11.80 -29.68
CA LEU C 38 9.17 10.92 -28.98
C LEU C 38 9.40 11.59 -27.64
N PHE C 39 9.28 10.80 -26.58
CA PHE C 39 9.44 11.31 -25.22
C PHE C 39 10.83 10.81 -24.85
N VAL C 40 11.72 11.75 -24.63
CA VAL C 40 13.14 11.47 -24.46
C VAL C 40 13.59 11.64 -23.00
N ASN C 41 14.41 10.68 -22.51
CA ASN C 41 14.84 10.58 -21.12
C ASN C 41 13.68 10.22 -20.20
N GLY C 42 12.74 9.39 -20.67
CA GLY C 42 11.63 8.98 -19.83
C GLY C 42 12.14 7.78 -19.01
N THR C 43 11.21 7.09 -18.34
CA THR C 43 11.59 5.85 -17.63
C THR C 43 12.10 4.78 -18.56
N THR C 44 11.39 4.56 -19.66
CA THR C 44 11.84 3.58 -20.66
C THR C 44 13.24 3.87 -21.23
N GLY C 45 13.53 5.13 -21.39
CA GLY C 45 14.85 5.62 -21.77
C GLY C 45 15.88 5.60 -20.66
N LEU C 46 15.52 5.03 -19.49
CA LEU C 46 16.35 5.16 -18.30
C LEU C 46 16.78 6.58 -17.90
N GLY C 47 15.89 7.58 -18.01
CA GLY C 47 16.28 8.97 -17.66
C GLY C 47 17.01 9.15 -16.32
N PRO C 48 16.48 8.56 -15.25
CA PRO C 48 17.15 8.71 -13.95
C PRO C 48 18.55 8.10 -13.94
N SER C 49 18.92 7.20 -14.86
CA SER C 49 20.31 6.66 -14.91
C SER C 49 21.29 7.53 -15.73
N LEU C 50 20.75 8.60 -16.33
CA LEU C 50 21.53 9.50 -17.22
C LEU C 50 21.99 10.72 -16.47
N SER C 51 23.27 11.07 -16.58
CA SER C 51 23.71 12.41 -16.15
C SER C 51 23.02 13.50 -16.96
N PRO C 52 23.05 14.74 -16.49
CA PRO C 52 22.47 15.85 -17.24
C PRO C 52 23.13 15.97 -18.64
N GLU C 53 24.43 15.75 -18.75
CA GLU C 53 25.13 15.70 -20.06
C GLU C 53 24.57 14.65 -20.97
N GLU C 54 24.35 13.44 -20.45
CA GLU C 54 23.79 12.38 -21.27
C GLU C 54 22.33 12.68 -21.68
N LYS C 55 21.57 13.31 -20.78
CA LYS C 55 20.18 13.65 -21.07
C LYS C 55 20.21 14.67 -22.26
N LEU C 56 21.11 15.65 -22.23
CA LEU C 56 21.34 16.55 -23.41
C LEU C 56 21.81 15.83 -24.70
N GLU C 57 22.80 14.96 -24.54
CA GLU C 57 23.24 14.12 -25.63
C GLU C 57 22.08 13.34 -26.31
N ASN C 58 21.15 12.77 -25.50
CA ASN C 58 20.02 12.01 -26.07
C ASN C 58 19.19 12.98 -26.92
N LEU C 59 18.96 14.18 -26.38
CA LEU C 59 18.13 15.16 -27.09
C LEU C 59 18.75 15.50 -28.50
N LYS C 60 20.05 15.84 -28.48
CA LYS C 60 20.83 16.23 -29.67
C LYS C 60 20.73 15.17 -30.72
N ALA C 61 20.94 13.90 -30.31
CA ALA C 61 20.82 12.79 -31.24
C ALA C 61 19.44 12.61 -31.86
N VAL C 62 18.40 12.64 -31.03
CA VAL C 62 17.04 12.42 -31.55
C VAL C 62 16.62 13.58 -32.49
N TYR C 63 17.00 14.78 -32.10
CA TYR C 63 16.75 15.97 -32.85
C TYR C 63 17.40 15.97 -34.27
N ASP C 64 18.43 15.14 -34.50
CA ASP C 64 18.92 14.89 -35.86
C ASP C 64 17.84 14.32 -36.74
N VAL C 65 16.93 13.56 -36.13
CA VAL C 65 15.92 12.82 -36.83
C VAL C 65 14.60 13.63 -36.91
N THR C 66 14.22 14.30 -35.83
CA THR C 66 12.92 14.92 -35.78
C THR C 66 12.81 16.03 -34.77
N ASN C 67 11.86 16.94 -35.06
N ASN C 67 11.85 16.92 -34.96
CA ASN C 67 11.45 18.05 -34.21
CA ASN C 67 11.63 17.94 -33.95
C ASN C 67 10.43 17.56 -33.14
C ASN C 67 10.41 17.55 -33.09
N LYS C 68 9.84 16.40 -33.36
CA LYS C 68 8.64 15.96 -32.62
C LYS C 68 9.08 15.29 -31.27
N ILE C 69 9.60 16.10 -30.36
CA ILE C 69 10.29 15.59 -29.18
C ILE C 69 9.69 16.22 -27.93
N ILE C 70 9.34 15.40 -26.92
CA ILE C 70 9.22 15.96 -25.56
C ILE C 70 10.50 15.63 -24.74
N PHE C 71 11.17 16.67 -24.21
CA PHE C 71 12.52 16.56 -23.61
C PHE C 71 12.38 16.43 -22.09
N GLN C 72 12.54 15.22 -21.54
CA GLN C 72 12.47 15.04 -20.05
C GLN C 72 13.79 15.47 -19.39
N VAL C 73 13.70 16.37 -18.40
CA VAL C 73 14.88 17.05 -17.84
C VAL C 73 15.02 16.93 -16.27
N GLY C 74 14.07 16.27 -15.62
CA GLY C 74 13.89 16.28 -14.17
C GLY C 74 15.04 15.57 -13.46
N GLY C 75 15.19 15.87 -12.17
CA GLY C 75 16.19 15.21 -11.37
C GLY C 75 16.22 15.84 -10.00
N LEU C 76 17.24 15.46 -9.22
CA LEU C 76 17.34 15.79 -7.80
C LEU C 76 18.30 16.93 -7.57
N ASN C 77 18.74 17.53 -8.68
CA ASN C 77 19.53 18.75 -8.61
C ASN C 77 18.78 19.77 -9.45
N LEU C 78 18.16 20.70 -8.79
CA LEU C 78 17.25 21.62 -9.49
C LEU C 78 18.00 22.49 -10.49
N ASP C 79 19.24 22.88 -10.14
CA ASP C 79 20.14 23.64 -11.02
C ASP C 79 20.44 22.94 -12.35
N ASP C 80 20.70 21.64 -12.30
CA ASP C 80 20.87 20.89 -13.54
C ASP C 80 19.56 20.86 -14.39
N ALA C 81 18.42 20.60 -13.73
CA ALA C 81 17.16 20.59 -14.48
C ALA C 81 16.90 21.98 -15.15
N ILE C 82 17.16 23.05 -14.41
CA ILE C 82 17.01 24.41 -14.90
C ILE C 82 17.96 24.61 -16.10
N ARG C 83 19.20 24.12 -15.96
CA ARG C 83 20.15 24.27 -17.06
C ARG C 83 19.71 23.50 -18.30
N LEU C 84 19.24 22.26 -18.15
CA LEU C 84 18.68 21.55 -19.31
C LEU C 84 17.45 22.24 -19.88
N ALA C 85 16.58 22.76 -19.04
CA ALA C 85 15.43 23.51 -19.56
C ALA C 85 15.90 24.68 -20.52
N LYS C 86 16.73 25.54 -19.95
CA LYS C 86 17.34 26.64 -20.71
C LYS C 86 18.01 26.21 -22.04
N LEU C 87 18.85 25.18 -22.02
CA LEU C 87 19.53 24.70 -23.22
C LEU C 87 18.58 24.22 -24.29
N SER C 88 17.35 23.83 -23.89
CA SER C 88 16.37 23.40 -24.88
C SER C 88 15.91 24.59 -25.78
N LYS C 89 16.23 25.84 -25.42
CA LYS C 89 15.79 27.02 -26.21
C LYS C 89 16.20 26.93 -27.70
N ASP C 90 17.31 26.26 -28.01
CA ASP C 90 17.74 26.23 -29.42
C ASP C 90 17.20 25.05 -30.15
N PHE C 91 16.31 24.30 -29.51
CA PHE C 91 15.78 23.15 -30.17
C PHE C 91 14.32 23.43 -30.41
N ASP C 92 13.88 23.16 -31.62
CA ASP C 92 12.49 23.44 -31.97
C ASP C 92 11.63 22.25 -31.65
N ILE C 93 11.46 21.98 -30.37
CA ILE C 93 10.79 20.75 -29.95
C ILE C 93 9.43 21.13 -29.42
N VAL C 94 8.62 20.10 -29.19
CA VAL C 94 7.24 20.21 -28.73
C VAL C 94 7.16 20.74 -27.31
N GLY C 95 8.00 20.22 -26.42
CA GLY C 95 7.94 20.65 -25.01
C GLY C 95 9.11 20.07 -24.17
N ILE C 96 9.22 20.52 -22.94
CA ILE C 96 10.01 19.79 -21.98
C ILE C 96 9.05 19.09 -20.94
N ALA C 97 9.62 18.23 -20.10
CA ALA C 97 8.84 17.43 -19.14
C ALA C 97 9.70 17.15 -17.88
N SER C 98 9.05 16.79 -16.77
CA SER C 98 9.79 16.28 -15.63
C SER C 98 8.82 15.44 -14.82
N TYR C 99 9.33 14.30 -14.37
CA TYR C 99 8.77 13.63 -13.24
C TYR C 99 8.97 14.48 -11.94
N ALA C 100 8.22 14.13 -10.91
CA ALA C 100 8.41 14.73 -9.58
C ALA C 100 9.73 14.28 -9.02
N PRO C 101 10.34 15.08 -8.13
CA PRO C 101 11.59 14.64 -7.47
C PRO C 101 11.40 13.25 -6.82
N TYR C 102 12.29 12.30 -7.12
CA TYR C 102 12.02 10.93 -6.69
C TYR C 102 12.86 10.65 -5.42
N TYR C 103 12.81 9.40 -4.96
CA TYR C 103 13.54 8.86 -3.77
C TYR C 103 13.01 9.42 -2.44
N TYR C 104 13.20 10.72 -2.17
CA TYR C 104 12.86 11.27 -0.81
C TYR C 104 11.35 11.21 -0.57
N PRO C 105 10.92 10.49 0.45
CA PRO C 105 9.47 10.39 0.77
C PRO C 105 9.00 11.62 1.54
N ARG C 106 7.69 11.81 1.66
CA ARG C 106 7.14 12.85 2.53
C ARG C 106 7.60 14.23 2.10
N MET C 107 7.81 14.47 0.82
CA MET C 107 8.07 15.85 0.38
C MET C 107 6.73 16.65 0.47
N SER C 108 6.77 17.85 1.05
CA SER C 108 5.54 18.70 1.11
C SER C 108 4.93 19.08 -0.26
N GLU C 109 3.60 19.21 -0.30
CA GLU C 109 2.93 19.79 -1.44
C GLU C 109 3.59 21.11 -1.91
N LYS C 110 3.90 22.00 -0.98
CA LYS C 110 4.55 23.29 -1.31
C LYS C 110 5.88 23.16 -2.03
N HIS C 111 6.71 22.23 -1.57
CA HIS C 111 8.02 22.06 -2.15
C HIS C 111 7.88 21.38 -3.54
N LEU C 112 6.91 20.48 -3.67
CA LEU C 112 6.59 19.88 -5.01
C LEU C 112 6.06 20.90 -6.07
N VAL C 113 5.13 21.76 -5.63
CA VAL C 113 4.60 22.85 -6.45
C VAL C 113 5.78 23.78 -6.84
N LYS C 114 6.61 24.13 -5.86
CA LYS C 114 7.72 25.04 -6.15
C LYS C 114 8.75 24.48 -7.20
N TYR C 115 9.07 23.19 -7.10
CA TYR C 115 9.95 22.53 -8.05
C TYR C 115 9.37 22.66 -9.46
N PHE C 116 8.08 22.42 -9.64
CA PHE C 116 7.51 22.45 -10.98
C PHE C 116 7.28 23.86 -11.47
N LYS C 117 6.83 24.75 -10.58
CA LYS C 117 6.77 26.18 -10.95
C LYS C 117 8.12 26.80 -11.32
N THR C 118 9.17 26.40 -10.60
CA THR C 118 10.50 26.81 -10.98
C THR C 118 10.88 26.42 -12.40
N LEU C 119 10.53 25.21 -12.84
CA LEU C 119 10.86 24.80 -14.18
C LEU C 119 10.01 25.56 -15.24
N CYS C 120 8.74 25.76 -14.90
CA CYS C 120 7.83 26.46 -15.80
C CYS C 120 8.37 27.91 -16.01
N GLU C 121 8.85 28.53 -14.92
CA GLU C 121 9.47 29.87 -14.93
C GLU C 121 10.64 30.06 -15.90
N VAL C 122 11.50 29.05 -16.03
CA VAL C 122 12.66 29.11 -16.93
C VAL C 122 12.48 28.39 -18.28
N SER C 123 11.34 27.75 -18.51
CA SER C 123 11.23 26.91 -19.71
C SER C 123 10.98 27.79 -20.97
N PRO C 124 11.76 27.57 -22.04
CA PRO C 124 11.52 28.24 -23.32
C PRO C 124 10.46 27.50 -24.12
N HIS C 125 9.88 26.41 -23.56
CA HIS C 125 8.92 25.54 -24.25
C HIS C 125 7.78 25.17 -23.30
N PRO C 126 6.68 24.66 -23.86
CA PRO C 126 5.58 24.11 -23.05
C PRO C 126 6.11 22.96 -22.15
N VAL C 127 5.54 22.88 -20.95
CA VAL C 127 5.98 21.95 -19.88
C VAL C 127 4.95 20.85 -19.66
N TYR C 128 5.41 19.60 -19.68
CA TYR C 128 4.52 18.46 -19.52
C TYR C 128 4.81 17.83 -18.19
N LEU C 129 3.73 17.54 -17.47
CA LEU C 129 3.81 16.76 -16.22
C LEU C 129 4.06 15.28 -16.51
N TYR C 130 5.12 14.72 -15.98
CA TYR C 130 5.26 13.27 -15.99
C TYR C 130 4.92 12.79 -14.54
N ASN C 131 3.68 12.32 -14.40
CA ASN C 131 3.16 11.80 -13.17
C ASN C 131 3.36 10.27 -13.07
N TYR C 132 4.25 9.83 -12.18
CA TYR C 132 4.49 8.39 -12.00
C TYR C 132 4.67 8.07 -10.50
N PRO C 133 3.56 7.93 -9.75
CA PRO C 133 3.63 7.74 -8.28
C PRO C 133 4.41 6.51 -7.86
N THR C 134 4.26 5.37 -8.53
CA THR C 134 5.00 4.19 -8.04
C THR C 134 6.53 4.46 -8.08
N ALA C 135 7.02 5.09 -9.15
CA ALA C 135 8.48 5.26 -9.32
C ALA C 135 8.95 6.37 -8.44
N THR C 136 8.18 7.45 -8.30
CA THR C 136 8.74 8.67 -7.69
C THR C 136 8.40 8.76 -6.20
N GLY C 137 7.40 8.03 -5.74
CA GLY C 137 7.03 8.03 -4.35
C GLY C 137 6.03 9.15 -4.07
N LYS C 138 5.63 9.94 -5.08
CA LYS C 138 4.60 10.92 -4.85
C LYS C 138 3.69 11.15 -6.04
N ASP C 139 2.52 11.68 -5.73
CA ASP C 139 1.51 11.88 -6.74
C ASP C 139 1.25 13.36 -6.95
N ILE C 140 1.16 13.77 -8.21
CA ILE C 140 0.87 15.17 -8.51
C ILE C 140 -0.45 15.07 -9.28
N ASP C 141 -1.58 15.15 -8.54
CA ASP C 141 -2.86 14.75 -9.13
C ASP C 141 -3.49 15.93 -9.88
N ALA C 142 -4.71 15.74 -10.39
CA ALA C 142 -5.35 16.78 -11.21
C ALA C 142 -5.46 18.11 -10.48
N LYS C 143 -5.70 18.05 -9.18
CA LYS C 143 -5.87 19.30 -8.42
C LYS C 143 -4.52 19.98 -8.16
N VAL C 144 -3.48 19.18 -7.86
CA VAL C 144 -2.17 19.73 -7.74
C VAL C 144 -1.67 20.34 -9.09
N ALA C 145 -1.96 19.66 -10.21
CA ALA C 145 -1.57 20.15 -11.55
C ALA C 145 -2.23 21.49 -11.81
N LYS C 146 -3.53 21.56 -11.48
CA LYS C 146 -4.26 22.83 -11.59
C LYS C 146 -3.61 23.92 -10.71
N GLU C 147 -3.32 23.62 -9.44
CA GLU C 147 -2.55 24.51 -8.60
C GLU C 147 -1.23 24.98 -9.20
N ILE C 148 -0.44 24.07 -9.75
CA ILE C 148 0.81 24.48 -10.38
C ILE C 148 0.55 25.39 -11.59
N GLY C 149 -0.47 25.04 -12.38
CA GLY C 149 -1.11 25.99 -13.29
C GLY C 149 -0.40 26.19 -14.61
N CYS C 150 0.74 25.55 -14.83
CA CYS C 150 1.51 25.85 -16.05
C CYS C 150 1.78 24.67 -16.97
N PHE C 151 1.13 23.53 -16.75
CA PHE C 151 1.36 22.34 -17.60
C PHE C 151 0.54 22.42 -18.88
N THR C 152 1.16 22.13 -20.01
CA THR C 152 0.45 21.99 -21.29
C THR C 152 -0.14 20.63 -21.42
N GLY C 153 0.47 19.66 -20.73
CA GLY C 153 -0.12 18.33 -20.78
C GLY C 153 0.41 17.45 -19.69
N VAL C 154 -0.10 16.24 -19.67
CA VAL C 154 0.33 15.33 -18.62
C VAL C 154 0.39 13.93 -19.14
N LYS C 155 1.44 13.20 -18.70
CA LYS C 155 1.50 11.77 -18.90
C LYS C 155 1.25 11.15 -17.52
N ASP C 156 0.20 10.34 -17.40
CA ASP C 156 -0.17 9.83 -16.10
C ASP C 156 0.06 8.33 -16.13
N THR C 157 1.07 7.88 -15.40
CA THR C 157 1.42 6.45 -15.41
C THR C 157 0.91 5.96 -14.06
N ILE C 158 -0.25 5.32 -14.11
CA ILE C 158 -0.94 4.93 -12.90
C ILE C 158 -1.96 3.87 -13.26
N GLU C 159 -2.27 3.00 -12.33
CA GLU C 159 -3.30 2.03 -12.60
C GLU C 159 -4.55 2.56 -11.89
N ASN C 160 -5.23 3.47 -12.62
CA ASN C 160 -6.44 4.13 -12.15
C ASN C 160 -6.83 5.20 -13.20
N ILE C 161 -7.62 4.81 -14.18
CA ILE C 161 -8.02 5.73 -15.20
C ILE C 161 -8.96 6.82 -14.72
N ILE C 162 -9.63 6.59 -13.58
CA ILE C 162 -10.45 7.67 -12.99
C ILE C 162 -9.52 8.87 -12.74
N HIS C 163 -8.37 8.57 -12.11
CA HIS C 163 -7.30 9.56 -11.85
C HIS C 163 -6.85 10.33 -13.14
N THR C 164 -6.65 9.60 -14.22
CA THR C 164 -6.23 10.20 -15.48
C THR C 164 -7.35 11.14 -16.04
N LEU C 165 -8.58 10.63 -16.02
CA LEU C 165 -9.75 11.39 -16.45
C LEU C 165 -9.91 12.72 -15.65
N ASP C 166 -9.59 12.68 -14.36
CA ASP C 166 -9.73 13.85 -13.53
C ASP C 166 -8.87 14.96 -14.02
N TYR C 167 -7.69 14.66 -14.57
CA TYR C 167 -6.93 15.79 -15.19
C TYR C 167 -7.79 16.56 -16.22
N LYS C 168 -8.50 15.84 -17.08
CA LYS C 168 -9.38 16.42 -18.12
C LYS C 168 -10.54 17.18 -17.48
N ARG C 169 -11.17 16.55 -16.49
CA ARG C 169 -12.23 17.20 -15.73
C ARG C 169 -11.84 18.53 -15.12
N LEU C 170 -10.72 18.54 -14.39
CA LEU C 170 -10.30 19.74 -13.69
C LEU C 170 -9.50 20.74 -14.52
N ASN C 171 -8.92 20.30 -15.65
CA ASN C 171 -8.11 21.16 -16.53
C ASN C 171 -8.53 20.86 -17.99
N PRO C 172 -9.64 21.45 -18.45
CA PRO C 172 -10.22 21.09 -19.77
C PRO C 172 -9.30 21.34 -21.01
N ASN C 173 -8.32 22.24 -20.92
CA ASN C 173 -7.47 22.49 -22.08
C ASN C 173 -6.16 21.67 -22.07
N MET C 174 -5.94 20.91 -20.98
CA MET C 174 -4.70 20.15 -20.83
C MET C 174 -4.72 18.97 -21.76
N LEU C 175 -3.60 18.70 -22.43
CA LEU C 175 -3.45 17.42 -23.14
C LEU C 175 -3.21 16.30 -22.11
N VAL C 176 -3.93 15.19 -22.22
CA VAL C 176 -3.90 14.19 -21.12
C VAL C 176 -3.63 12.83 -21.75
N TYR C 177 -2.45 12.27 -21.45
CA TYR C 177 -2.03 10.97 -21.97
C TYR C 177 -1.95 9.96 -20.85
N SER C 178 -2.24 8.70 -21.18
CA SER C 178 -1.98 7.57 -20.27
C SER C 178 -0.58 6.98 -20.54
N GLY C 179 0.14 6.63 -19.46
CA GLY C 179 1.40 5.94 -19.63
C GLY C 179 1.22 4.45 -19.85
N SER C 180 0.02 3.95 -20.10
CA SER C 180 -0.17 2.52 -20.32
C SER C 180 -0.30 2.06 -21.76
N ASP C 181 0.42 0.96 -22.10
CA ASP C 181 0.22 0.22 -23.33
C ASP C 181 -1.12 -0.55 -23.38
N MET C 182 -1.66 -0.90 -22.22
CA MET C 182 -2.84 -1.72 -22.17
C MET C 182 -4.13 -0.90 -22.35
N LEU C 183 -3.98 0.42 -22.42
CA LEU C 183 -5.12 1.35 -22.37
C LEU C 183 -5.24 2.15 -23.65
N ILE C 184 -4.64 1.68 -24.74
CA ILE C 184 -4.69 2.44 -25.99
C ILE C 184 -6.09 2.43 -26.57
N ALA C 185 -6.73 1.27 -26.59
CA ALA C 185 -8.09 1.20 -27.13
C ALA C 185 -9.02 2.08 -26.25
N THR C 186 -8.86 1.96 -24.93
CA THR C 186 -9.75 2.65 -24.01
C THR C 186 -9.57 4.14 -24.09
N VAL C 187 -8.32 4.56 -24.02
CA VAL C 187 -8.06 5.99 -23.97
C VAL C 187 -8.65 6.69 -25.24
N ALA C 188 -8.51 6.05 -26.41
CA ALA C 188 -9.05 6.61 -27.68
C ALA C 188 -10.59 6.59 -27.73
N SER C 189 -11.18 5.60 -27.08
N SER C 189 -11.23 5.60 -27.11
CA SER C 189 -12.63 5.46 -26.99
CA SER C 189 -12.71 5.63 -27.05
C SER C 189 -13.28 6.37 -25.94
C SER C 189 -13.25 6.64 -26.05
N THR C 190 -12.50 6.87 -24.98
CA THR C 190 -13.05 7.67 -23.85
C THR C 190 -12.73 9.15 -23.85
N GLY C 191 -12.11 9.64 -24.91
CA GLY C 191 -11.97 11.09 -25.07
C GLY C 191 -10.69 11.65 -24.52
N LEU C 192 -9.71 10.78 -24.27
CA LEU C 192 -8.38 11.25 -23.79
C LEU C 192 -7.45 11.38 -25.02
N ASP C 193 -6.28 11.98 -24.80
CA ASP C 193 -5.43 12.45 -25.89
C ASP C 193 -4.38 11.48 -26.43
N GLY C 194 -4.20 10.35 -25.77
CA GLY C 194 -3.34 9.34 -26.33
C GLY C 194 -2.59 8.58 -25.25
N ASN C 195 -1.54 7.87 -25.65
CA ASN C 195 -0.75 7.00 -24.76
C ASN C 195 0.70 7.23 -25.09
N VAL C 196 1.49 7.34 -24.03
CA VAL C 196 2.93 7.34 -24.15
C VAL C 196 3.26 5.91 -23.76
N ALA C 197 3.53 5.11 -24.77
CA ALA C 197 3.46 3.66 -24.62
C ALA C 197 4.83 2.98 -24.82
N ALA C 198 5.35 2.33 -23.79
CA ALA C 198 6.69 1.77 -23.86
C ALA C 198 6.78 0.75 -25.00
N GLY C 199 5.72 -0.02 -25.15
CA GLY C 199 5.56 -1.10 -26.09
C GLY C 199 5.57 -0.60 -27.51
N SER C 200 5.30 0.68 -27.71
CA SER C 200 5.41 1.19 -29.08
C SER C 200 6.89 1.29 -29.59
N ASN C 201 7.86 1.06 -28.69
CA ASN C 201 9.29 0.89 -29.10
C ASN C 201 9.46 -0.27 -30.04
N TYR C 202 8.75 -1.36 -29.72
CA TYR C 202 8.97 -2.57 -30.44
C TYR C 202 7.82 -2.96 -31.34
N LEU C 203 6.63 -2.47 -31.04
CA LEU C 203 5.49 -2.71 -31.89
C LEU C 203 4.76 -1.42 -32.26
N PRO C 204 5.45 -0.45 -32.82
CA PRO C 204 4.78 0.83 -33.10
C PRO C 204 3.57 0.58 -34.01
N GLU C 205 3.68 -0.46 -34.88
CA GLU C 205 2.62 -0.75 -35.87
C GLU C 205 1.35 -1.20 -35.15
N VAL C 206 1.50 -2.11 -34.20
CA VAL C 206 0.38 -2.53 -33.34
C VAL C 206 -0.26 -1.34 -32.59
N THR C 207 0.56 -0.46 -31.97
CA THR C 207 0.00 0.64 -31.15
C THR C 207 -0.80 1.64 -32.00
N VAL C 208 -0.28 1.92 -33.20
CA VAL C 208 -0.91 2.83 -34.13
C VAL C 208 -2.21 2.20 -34.63
N THR C 209 -2.23 0.88 -34.79
CA THR C 209 -3.42 0.24 -35.33
C THR C 209 -4.60 0.17 -34.35
N ILE C 210 -4.28 -0.13 -33.08
CA ILE C 210 -5.25 -0.15 -32.00
C ILE C 210 -5.92 1.21 -31.96
N LYS C 211 -5.09 2.24 -31.96
CA LYS C 211 -5.54 3.62 -31.91
C LYS C 211 -6.52 3.92 -33.09
N LYS C 212 -6.10 3.57 -34.33
CA LYS C 212 -6.93 3.75 -35.55
C LYS C 212 -8.25 2.98 -35.42
N LEU C 213 -8.17 1.70 -35.12
CA LEU C 213 -9.38 0.92 -34.97
C LEU C 213 -10.34 1.56 -33.94
N ALA C 214 -9.84 1.98 -32.76
CA ALA C 214 -10.69 2.65 -31.76
C ALA C 214 -11.30 3.98 -32.27
N MET C 215 -10.49 4.76 -32.99
N MET C 215 -10.53 4.78 -32.99
CA MET C 215 -10.92 6.04 -33.58
CA MET C 215 -11.08 6.05 -33.46
C MET C 215 -12.11 5.85 -34.53
C MET C 215 -12.14 5.88 -34.57
N GLU C 216 -12.04 4.77 -35.32
CA GLU C 216 -13.09 4.37 -36.30
C GLU C 216 -14.27 3.66 -35.60
N ARG C 217 -14.20 3.52 -34.27
CA ARG C 217 -15.31 3.06 -33.50
C ARG C 217 -15.53 1.54 -33.65
N LYS C 218 -14.48 0.85 -34.11
CA LYS C 218 -14.43 -0.60 -34.28
C LYS C 218 -13.94 -1.23 -32.99
N ILE C 219 -14.67 -0.98 -31.91
CA ILE C 219 -14.15 -1.29 -30.58
C ILE C 219 -13.80 -2.78 -30.39
N ASP C 220 -14.64 -3.71 -30.88
CA ASP C 220 -14.31 -5.12 -30.70
C ASP C 220 -13.02 -5.53 -31.46
N GLU C 221 -12.78 -4.90 -32.60
CA GLU C 221 -11.53 -5.08 -33.36
C GLU C 221 -10.33 -4.45 -32.65
N ALA C 222 -10.54 -3.25 -32.12
CA ALA C 222 -9.52 -2.56 -31.32
C ALA C 222 -9.12 -3.36 -30.06
N LEU C 223 -10.12 -3.87 -29.31
CA LEU C 223 -9.88 -4.76 -28.15
C LEU C 223 -9.14 -6.04 -28.49
N LYS C 224 -9.63 -6.77 -29.50
CA LYS C 224 -8.96 -8.01 -29.94
C LYS C 224 -7.47 -7.75 -30.16
N LEU C 225 -7.17 -6.66 -30.86
CA LEU C 225 -5.76 -6.23 -31.05
C LEU C 225 -5.06 -5.74 -29.74
N GLN C 226 -5.77 -5.00 -28.91
CA GLN C 226 -5.27 -4.53 -27.63
C GLN C 226 -4.90 -5.71 -26.75
N PHE C 227 -5.76 -6.73 -26.76
CA PHE C 227 -5.56 -7.92 -25.95
C PHE C 227 -4.31 -8.75 -26.38
N LEU C 228 -4.07 -8.82 -27.69
CA LEU C 228 -2.84 -9.44 -28.20
C LEU C 228 -1.63 -8.65 -27.75
N HIS C 229 -1.64 -7.33 -27.95
CA HIS C 229 -0.57 -6.46 -27.41
C HIS C 229 -0.32 -6.68 -25.91
N ASP C 230 -1.39 -6.79 -25.10
CA ASP C 230 -1.24 -7.04 -23.67
C ASP C 230 -0.36 -8.27 -23.34
N GLU C 231 -0.55 -9.36 -24.10
CA GLU C 231 0.27 -10.56 -23.97
C GLU C 231 1.74 -10.31 -24.23
N VAL C 232 2.05 -9.47 -25.19
CA VAL C 232 3.43 -9.04 -25.38
C VAL C 232 3.98 -8.23 -24.18
N ILE C 233 3.27 -7.18 -23.72
CA ILE C 233 3.60 -6.49 -22.45
C ILE C 233 3.89 -7.46 -21.28
N GLU C 234 3.00 -8.41 -21.10
CA GLU C 234 3.10 -9.39 -20.05
C GLU C 234 4.33 -10.23 -20.23
N ALA C 235 4.58 -10.74 -21.43
CA ALA C 235 5.82 -11.50 -21.66
C ALA C 235 7.01 -10.66 -21.27
N SER C 236 7.02 -9.40 -21.65
CA SER C 236 8.16 -8.52 -21.35
C SER C 236 8.47 -8.30 -19.86
N ARG C 237 7.44 -8.43 -19.02
CA ARG C 237 7.61 -8.30 -17.56
C ARG C 237 8.28 -9.50 -16.93
N ILE C 238 8.22 -10.66 -17.59
CA ILE C 238 8.77 -11.87 -16.97
C ILE C 238 10.21 -11.69 -16.47
N PHE C 239 11.11 -11.16 -17.30
CA PHE C 239 12.46 -11.02 -16.85
C PHE C 239 12.81 -9.57 -16.65
N GLY C 240 11.81 -8.69 -16.70
CA GLY C 240 12.04 -7.29 -16.42
C GLY C 240 11.79 -6.46 -17.66
N SER C 241 10.77 -5.58 -17.63
CA SER C 241 10.38 -4.90 -18.85
C SER C 241 11.47 -4.03 -19.48
N LEU C 242 12.19 -3.26 -18.65
CA LEU C 242 13.16 -2.29 -19.12
C LEU C 242 14.30 -2.97 -19.87
N SER C 243 14.69 -4.13 -19.38
CA SER C 243 15.70 -4.95 -20.06
C SER C 243 15.06 -5.66 -21.26
N SER C 244 13.88 -6.24 -21.11
CA SER C 244 13.25 -6.92 -22.24
C SER C 244 12.89 -6.10 -23.46
N ASN C 245 12.58 -4.80 -23.25
CA ASN C 245 12.23 -3.90 -24.35
C ASN C 245 13.33 -3.90 -25.47
N TYR C 246 14.60 -3.97 -25.04
CA TYR C 246 15.75 -4.04 -25.96
C TYR C 246 15.59 -5.30 -26.81
N VAL C 247 15.43 -6.45 -26.17
CA VAL C 247 15.34 -7.71 -26.90
C VAL C 247 14.13 -7.72 -27.85
N LEU C 248 12.99 -7.21 -27.38
CA LEU C 248 11.80 -7.21 -28.22
C LEU C 248 11.93 -6.27 -29.40
N THR C 249 12.54 -5.13 -29.22
CA THR C 249 12.67 -4.20 -30.31
C THR C 249 13.49 -4.86 -31.46
N LYS C 250 14.61 -5.50 -31.10
N LYS C 250 14.61 -5.48 -31.06
CA LYS C 250 15.42 -6.21 -32.08
CA LYS C 250 15.46 -6.24 -31.96
C LYS C 250 14.65 -7.33 -32.71
C LYS C 250 14.64 -7.28 -32.67
N TYR C 251 13.86 -8.02 -31.91
CA TYR C 251 13.08 -9.14 -32.46
C TYR C 251 12.01 -8.70 -33.47
N PHE C 252 11.33 -7.59 -33.20
CA PHE C 252 10.14 -7.24 -33.99
C PHE C 252 10.45 -6.28 -35.11
N GLN C 253 11.40 -5.38 -34.86
CA GLN C 253 11.84 -4.32 -35.75
C GLN C 253 13.18 -4.59 -36.49
N GLY C 254 13.95 -5.58 -36.07
CA GLY C 254 15.04 -6.09 -36.89
C GLY C 254 16.36 -5.35 -36.76
N TYR C 255 16.48 -4.42 -35.82
CA TYR C 255 17.76 -3.76 -35.59
C TYR C 255 18.09 -3.85 -34.12
N ASP C 256 19.36 -3.72 -33.84
CA ASP C 256 19.90 -3.89 -32.52
C ASP C 256 19.89 -2.57 -31.74
N LEU C 257 19.59 -2.61 -30.46
CA LEU C 257 19.57 -1.41 -29.63
C LEU C 257 20.58 -1.51 -28.47
N GLY C 258 21.58 -2.37 -28.63
CA GLY C 258 22.66 -2.49 -27.66
C GLY C 258 22.15 -2.95 -26.30
N TYR C 259 22.53 -2.23 -25.24
CA TYR C 259 22.39 -2.70 -23.85
C TYR C 259 21.67 -1.63 -23.01
N PRO C 260 20.97 -2.02 -21.93
CA PRO C 260 20.49 -1.07 -20.89
C PRO C 260 21.69 -0.74 -20.03
N ARG C 261 21.54 0.10 -19.01
CA ARG C 261 22.69 0.52 -18.22
C ARG C 261 22.51 -0.12 -16.81
N PRO C 262 23.46 -1.00 -16.43
CA PRO C 262 23.42 -1.70 -15.12
C PRO C 262 23.30 -0.65 -14.01
N PRO C 263 22.45 -0.82 -13.02
CA PRO C 263 21.82 -2.12 -12.63
C PRO C 263 20.53 -2.52 -13.34
N ILE C 264 20.22 -1.87 -14.43
CA ILE C 264 19.24 -2.47 -15.35
C ILE C 264 20.10 -3.38 -16.26
N PHE C 265 20.17 -4.67 -15.89
CA PHE C 265 21.04 -5.60 -16.58
C PHE C 265 20.39 -6.19 -17.88
N PRO C 266 21.23 -6.42 -18.89
CA PRO C 266 20.74 -7.09 -20.13
C PRO C 266 20.18 -8.46 -19.84
N LEU C 267 19.21 -8.91 -20.64
CA LEU C 267 18.79 -10.30 -20.54
C LEU C 267 19.97 -11.24 -20.96
N ASP C 268 20.10 -12.40 -20.30
CA ASP C 268 21.07 -13.41 -20.75
C ASP C 268 20.48 -14.26 -21.89
N ASP C 269 21.30 -15.10 -22.52
CA ASP C 269 20.90 -15.86 -23.71
C ASP C 269 19.64 -16.67 -23.51
N GLU C 270 19.61 -17.44 -22.41
CA GLU C 270 18.43 -18.22 -22.03
C GLU C 270 17.14 -17.38 -21.80
N GLU C 271 17.28 -16.24 -21.13
CA GLU C 271 16.12 -15.36 -20.86
C GLU C 271 15.62 -14.82 -22.20
N GLU C 272 16.55 -14.35 -23.01
CA GLU C 272 16.23 -13.88 -24.32
C GLU C 272 15.53 -14.96 -25.15
N ARG C 273 16.00 -16.21 -25.05
CA ARG C 273 15.39 -17.31 -25.78
C ARG C 273 14.01 -17.65 -25.23
N GLN C 274 13.89 -17.68 -23.90
CA GLN C 274 12.58 -17.95 -23.34
C GLN C 274 11.59 -16.84 -23.71
N LEU C 275 12.06 -15.60 -23.73
CA LEU C 275 11.21 -14.45 -24.08
C LEU C 275 10.70 -14.57 -25.51
N ILE C 276 11.61 -14.85 -26.46
N ILE C 276 11.59 -14.85 -26.48
CA ILE C 276 11.20 -14.95 -27.87
CA ILE C 276 11.12 -14.90 -27.87
C ILE C 276 10.18 -16.07 -28.05
C ILE C 276 10.18 -16.09 -28.09
N LYS C 277 10.42 -17.18 -27.37
CA LYS C 277 9.47 -18.30 -27.35
C LYS C 277 8.06 -17.88 -26.89
N LYS C 278 7.96 -16.89 -26.00
CA LYS C 278 6.68 -16.44 -25.50
C LYS C 278 5.97 -15.50 -26.48
N VAL C 279 6.71 -14.89 -27.41
CA VAL C 279 6.06 -13.92 -28.32
C VAL C 279 6.03 -14.33 -29.80
N GLU C 280 6.68 -15.44 -30.13
CA GLU C 280 6.82 -15.93 -31.50
C GLU C 280 5.51 -16.33 -32.17
N GLY C 281 4.60 -16.89 -31.38
CA GLY C 281 3.25 -17.15 -31.84
C GLY C 281 2.52 -15.86 -32.14
N ILE C 282 2.75 -14.84 -31.30
CA ILE C 282 2.14 -13.54 -31.52
C ILE C 282 2.70 -12.86 -32.79
N ARG C 283 4.02 -12.96 -33.00
N ARG C 283 4.02 -12.94 -33.02
CA ARG C 283 4.67 -12.38 -34.19
CA ARG C 283 4.60 -12.34 -34.21
C ARG C 283 4.03 -12.97 -35.43
C ARG C 283 3.91 -12.97 -35.42
N ALA C 284 3.91 -14.30 -35.46
CA ALA C 284 3.22 -15.05 -36.53
C ALA C 284 1.80 -14.49 -36.76
N LYS C 285 0.98 -14.41 -35.71
CA LYS C 285 -0.37 -13.88 -35.87
C LYS C 285 -0.44 -12.45 -36.46
N LEU C 286 0.47 -11.55 -36.03
CA LEU C 286 0.55 -10.19 -36.57
C LEU C 286 0.99 -10.18 -38.04
N VAL C 287 1.88 -11.09 -38.41
CA VAL C 287 2.27 -11.24 -39.82
C VAL C 287 1.06 -11.70 -40.64
N GLU C 288 0.36 -12.70 -40.11
CA GLU C 288 -0.83 -13.21 -40.78
C GLU C 288 -1.89 -12.10 -40.93
N LEU C 289 -1.99 -11.22 -39.95
CA LEU C 289 -2.93 -10.10 -40.03
C LEU C 289 -2.41 -8.94 -40.90
N LYS C 290 -1.22 -9.11 -41.48
CA LYS C 290 -0.53 -8.05 -42.25
C LYS C 290 -0.25 -6.77 -41.45
N ILE C 291 -0.25 -6.86 -40.11
CA ILE C 291 0.18 -5.74 -39.27
C ILE C 291 1.70 -5.60 -39.32
N LEU C 292 2.41 -6.74 -39.24
CA LEU C 292 3.87 -6.78 -39.48
C LEU C 292 4.14 -7.33 -40.86
N LYS C 293 5.04 -6.70 -41.61
CA LYS C 293 5.38 -7.17 -42.95
C LYS C 293 6.17 -8.48 -42.99
N GLU C 294 7.06 -8.67 -42.02
CA GLU C 294 8.03 -9.78 -42.01
C GLU C 294 9.04 -9.78 -43.21
N PRO D 2 4.95 -7.72 32.40
CA PRO D 2 4.09 -7.80 31.21
C PRO D 2 3.46 -9.17 31.21
N GLU D 3 2.46 -9.36 30.36
CA GLU D 3 1.61 -10.55 30.40
C GLU D 3 1.65 -11.22 29.05
N ILE D 4 1.33 -12.51 29.07
CA ILE D 4 1.06 -13.23 27.84
C ILE D 4 -0.41 -13.54 27.84
N ILE D 5 -1.11 -13.12 26.80
CA ILE D 5 -2.57 -13.33 26.69
C ILE D 5 -2.85 -14.17 25.44
N THR D 6 -3.70 -15.20 25.56
CA THR D 6 -3.95 -16.06 24.42
C THR D 6 -5.23 -15.63 23.76
N PRO D 7 -5.19 -15.34 22.44
CA PRO D 7 -6.47 -15.17 21.74
C PRO D 7 -6.91 -16.58 21.42
N ILE D 8 -7.78 -17.11 22.28
CA ILE D 8 -8.12 -18.52 22.23
C ILE D 8 -8.86 -18.97 20.95
N ILE D 9 -8.40 -20.07 20.42
CA ILE D 9 -9.02 -20.69 19.26
C ILE D 9 -10.43 -21.15 19.70
N THR D 10 -11.37 -21.11 18.75
CA THR D 10 -12.70 -21.72 18.85
C THR D 10 -12.75 -23.06 18.14
N PRO D 11 -12.87 -24.15 18.90
CA PRO D 11 -13.09 -25.47 18.29
C PRO D 11 -14.52 -25.58 17.80
N PHE D 12 -14.67 -25.99 16.56
CA PHE D 12 -15.97 -26.31 16.00
C PHE D 12 -16.11 -27.84 15.77
N THR D 13 -17.34 -28.34 15.82
CA THR D 13 -17.60 -29.75 15.52
C THR D 13 -17.75 -29.88 14.02
N LYS D 14 -17.89 -31.10 13.55
CA LYS D 14 -18.14 -31.35 12.15
C LYS D 14 -19.53 -30.83 11.70
N ASP D 15 -20.51 -30.77 12.63
CA ASP D 15 -21.77 -30.01 12.41
C ASP D 15 -21.62 -28.45 12.46
N ASN D 16 -20.39 -27.93 12.51
CA ASN D 16 -20.19 -26.47 12.47
C ASN D 16 -20.82 -25.71 13.65
N ARG D 17 -20.73 -26.32 14.83
CA ARG D 17 -21.17 -25.72 16.06
C ARG D 17 -19.94 -25.65 16.93
N ILE D 18 -19.93 -24.71 17.89
CA ILE D 18 -18.87 -24.64 18.90
C ILE D 18 -18.83 -25.89 19.77
N ASP D 19 -17.64 -26.43 19.87
CA ASP D 19 -17.37 -27.57 20.68
C ASP D 19 -16.94 -27.11 22.04
N LYS D 20 -17.90 -26.93 22.94
CA LYS D 20 -17.60 -26.36 24.24
C LYS D 20 -16.65 -27.20 25.06
N GLU D 21 -16.77 -28.53 24.98
CA GLU D 21 -15.93 -29.39 25.81
C GLU D 21 -14.48 -29.33 25.34
N LYS D 22 -14.23 -29.34 24.02
CA LYS D 22 -12.84 -29.10 23.57
C LYS D 22 -12.28 -27.70 23.97
N LEU D 23 -13.14 -26.66 23.93
CA LEU D 23 -12.79 -25.28 24.36
C LEU D 23 -12.32 -25.27 25.80
N LYS D 24 -13.10 -25.85 26.70
CA LYS D 24 -12.71 -25.89 28.13
C LYS D 24 -11.39 -26.64 28.40
N ILE D 25 -11.22 -27.81 27.82
CA ILE D 25 -9.91 -28.51 27.95
C ILE D 25 -8.73 -27.55 27.55
N HIS D 26 -8.87 -26.91 26.38
CA HIS D 26 -7.81 -26.00 25.87
C HIS D 26 -7.63 -24.87 26.86
N ALA D 27 -8.72 -24.28 27.34
CA ALA D 27 -8.61 -23.10 28.23
C ALA D 27 -7.91 -23.51 29.57
N GLU D 28 -8.31 -24.69 30.10
CA GLU D 28 -7.72 -25.18 31.37
C GLU D 28 -6.23 -25.36 31.17
N ASN D 29 -5.85 -25.98 30.05
CA ASN D 29 -4.42 -26.18 29.81
C ASN D 29 -3.62 -24.86 29.73
N LEU D 30 -4.15 -23.89 28.98
CA LEU D 30 -3.45 -22.63 28.81
C LEU D 30 -3.23 -22.00 30.19
N ILE D 31 -4.27 -21.97 31.02
CA ILE D 31 -4.15 -21.34 32.36
C ILE D 31 -3.10 -22.13 33.18
N ARG D 32 -3.15 -23.46 33.07
CA ARG D 32 -2.21 -24.32 33.84
C ARG D 32 -0.77 -24.02 33.42
N LYS D 33 -0.53 -23.79 32.13
CA LYS D 33 0.84 -23.52 31.69
C LYS D 33 1.27 -22.07 31.87
N GLY D 34 0.51 -21.29 32.62
CA GLY D 34 0.92 -19.94 32.97
C GLY D 34 0.42 -18.79 32.12
N ILE D 35 -0.52 -19.01 31.21
CA ILE D 35 -1.03 -17.87 30.42
C ILE D 35 -1.83 -17.00 31.38
N ASP D 36 -1.61 -15.68 31.30
CA ASP D 36 -2.25 -14.73 32.19
C ASP D 36 -3.73 -14.57 31.94
N LYS D 37 -4.14 -14.38 30.67
CA LYS D 37 -5.55 -14.06 30.37
C LYS D 37 -5.86 -14.59 29.02
N LEU D 38 -7.15 -14.73 28.75
CA LEU D 38 -7.61 -15.29 27.48
C LEU D 38 -8.45 -14.23 26.74
N PHE D 39 -8.15 -14.01 25.45
CA PHE D 39 -8.90 -13.04 24.63
C PHE D 39 -9.85 -13.84 23.82
N VAL D 40 -11.16 -13.65 24.06
CA VAL D 40 -12.20 -14.53 23.51
C VAL D 40 -12.97 -13.85 22.38
N ASN D 41 -13.17 -14.57 21.28
CA ASN D 41 -13.74 -14.01 20.05
C ASN D 41 -12.80 -13.02 19.31
N GLY D 42 -11.50 -13.25 19.37
CA GLY D 42 -10.50 -12.50 18.59
C GLY D 42 -10.42 -13.09 17.21
N THR D 43 -9.43 -12.67 16.43
CA THR D 43 -9.28 -13.15 15.09
C THR D 43 -8.99 -14.65 15.12
N THR D 44 -8.16 -15.03 16.09
CA THR D 44 -7.66 -16.41 16.15
C THR D 44 -8.85 -17.34 16.48
N GLY D 45 -9.81 -16.81 17.24
CA GLY D 45 -11.06 -17.49 17.57
C GLY D 45 -12.13 -17.34 16.54
N LEU D 46 -11.80 -16.75 15.39
CA LEU D 46 -12.76 -16.49 14.34
C LEU D 46 -13.96 -15.67 14.79
N GLY D 47 -13.77 -14.78 15.75
CA GLY D 47 -14.83 -13.85 16.14
C GLY D 47 -15.70 -13.25 15.05
N PRO D 48 -15.16 -12.73 13.96
CA PRO D 48 -16.05 -12.20 12.93
C PRO D 48 -16.92 -13.28 12.25
N SER D 49 -16.57 -14.56 12.41
CA SER D 49 -17.40 -15.62 11.83
C SER D 49 -18.48 -16.14 12.81
N LEU D 50 -18.46 -15.59 14.04
CA LEU D 50 -19.40 -16.00 15.09
C LEU D 50 -20.57 -15.05 15.14
N SER D 51 -21.79 -15.61 15.23
CA SER D 51 -22.98 -14.79 15.57
C SER D 51 -22.85 -14.33 17.00
N PRO D 52 -23.62 -13.28 17.36
CA PRO D 52 -23.66 -12.79 18.73
C PRO D 52 -23.93 -13.87 19.77
N GLU D 53 -24.90 -14.74 19.46
CA GLU D 53 -25.21 -15.86 20.33
C GLU D 53 -23.98 -16.74 20.49
N GLU D 54 -23.21 -16.94 19.43
CA GLU D 54 -22.03 -17.78 19.51
C GLU D 54 -20.91 -17.07 20.27
N LYS D 55 -20.79 -15.77 20.07
CA LYS D 55 -19.84 -15.00 20.91
C LYS D 55 -20.07 -15.17 22.42
N LEU D 56 -21.34 -15.16 22.80
CA LEU D 56 -21.77 -15.31 24.21
C LEU D 56 -21.51 -16.74 24.68
N GLU D 57 -21.87 -17.70 23.82
CA GLU D 57 -21.58 -19.12 24.08
C GLU D 57 -20.08 -19.30 24.36
N ASN D 58 -19.21 -18.61 23.61
CA ASN D 58 -17.77 -18.72 23.89
C ASN D 58 -17.40 -18.26 25.28
N LEU D 59 -17.97 -17.13 25.67
CA LEU D 59 -17.68 -16.52 26.93
C LEU D 59 -18.08 -17.47 28.10
N LYS D 60 -19.31 -17.99 28.00
CA LYS D 60 -19.85 -18.93 28.98
C LYS D 60 -19.01 -20.14 29.20
N ALA D 61 -18.53 -20.74 28.14
CA ALA D 61 -17.75 -21.96 28.26
C ALA D 61 -16.40 -21.64 28.83
N VAL D 62 -15.73 -20.63 28.27
CA VAL D 62 -14.43 -20.27 28.85
C VAL D 62 -14.60 -19.81 30.34
N TYR D 63 -15.68 -19.09 30.61
CA TYR D 63 -15.96 -18.65 32.01
C TYR D 63 -16.15 -19.82 33.03
N ASP D 64 -16.55 -20.99 32.53
CA ASP D 64 -16.55 -22.18 33.35
C ASP D 64 -15.16 -22.50 33.82
N VAL D 65 -14.14 -22.14 33.04
CA VAL D 65 -12.79 -22.47 33.45
C VAL D 65 -12.13 -21.35 34.25
N THR D 66 -12.30 -20.09 33.81
CA THR D 66 -11.54 -18.98 34.39
C THR D 66 -12.32 -17.68 34.23
N ASN D 67 -12.15 -16.76 35.17
CA ASN D 67 -12.62 -15.39 34.91
C ASN D 67 -11.57 -14.46 34.26
N LYS D 68 -10.39 -14.97 33.87
CA LYS D 68 -9.29 -14.14 33.33
C LYS D 68 -9.54 -13.87 31.81
N ILE D 69 -10.59 -13.12 31.52
CA ILE D 69 -11.10 -13.11 30.16
C ILE D 69 -11.31 -11.69 29.69
N ILE D 70 -10.88 -11.43 28.44
CA ILE D 70 -11.28 -10.21 27.74
C ILE D 70 -12.20 -10.70 26.62
N PHE D 71 -13.40 -10.15 26.64
CA PHE D 71 -14.56 -10.62 25.88
C PHE D 71 -14.76 -9.67 24.68
N GLN D 72 -14.42 -10.17 23.48
CA GLN D 72 -14.47 -9.37 22.22
C GLN D 72 -15.91 -9.42 21.69
N VAL D 73 -16.54 -8.26 21.47
CA VAL D 73 -17.98 -8.26 21.21
C VAL D 73 -18.35 -7.46 19.93
N GLY D 74 -17.34 -7.03 19.19
CA GLY D 74 -17.59 -6.09 18.12
C GLY D 74 -18.20 -6.71 16.89
N GLY D 75 -18.69 -5.85 15.97
CA GLY D 75 -19.40 -6.32 14.81
C GLY D 75 -20.05 -5.16 14.12
N LEU D 76 -20.84 -5.48 13.11
CA LEU D 76 -21.34 -4.49 12.16
C LEU D 76 -22.82 -4.19 12.47
N ASN D 77 -23.29 -4.74 13.57
CA ASN D 77 -24.59 -4.37 14.08
C ASN D 77 -24.33 -3.88 15.52
N LEU D 78 -24.38 -2.58 15.67
CA LEU D 78 -24.10 -1.95 16.96
C LEU D 78 -25.05 -2.42 18.05
N ASP D 79 -26.33 -2.65 17.71
CA ASP D 79 -27.29 -3.08 18.73
C ASP D 79 -26.82 -4.40 19.30
N ASP D 80 -26.38 -5.37 18.47
CA ASP D 80 -25.84 -6.65 18.98
C ASP D 80 -24.58 -6.45 19.81
N ALA D 81 -23.66 -5.61 19.37
CA ALA D 81 -22.46 -5.34 20.20
C ALA D 81 -22.80 -4.74 21.60
N ILE D 82 -23.76 -3.78 21.64
CA ILE D 82 -24.26 -3.24 22.90
C ILE D 82 -24.90 -4.33 23.79
N ARG D 83 -25.75 -5.13 23.19
CA ARG D 83 -26.35 -6.22 23.94
C ARG D 83 -25.32 -7.15 24.57
N LEU D 84 -24.32 -7.56 23.78
CA LEU D 84 -23.20 -8.37 24.36
C LEU D 84 -22.46 -7.68 25.46
N ALA D 85 -22.19 -6.40 25.25
CA ALA D 85 -21.51 -5.60 26.22
C ALA D 85 -22.31 -5.59 27.56
N LYS D 86 -23.59 -5.21 27.46
CA LYS D 86 -24.48 -5.31 28.64
C LYS D 86 -24.56 -6.68 29.27
N LEU D 87 -24.63 -7.74 28.45
CA LEU D 87 -24.77 -9.09 29.00
C LEU D 87 -23.55 -9.49 29.86
N SER D 88 -22.40 -8.89 29.57
CA SER D 88 -21.21 -9.26 30.29
C SER D 88 -21.23 -8.80 31.75
N LYS D 89 -22.26 -8.07 32.14
CA LYS D 89 -22.36 -7.58 33.51
C LYS D 89 -22.34 -8.76 34.50
N ASP D 90 -22.88 -9.91 34.09
CA ASP D 90 -22.99 -11.02 35.03
C ASP D 90 -21.72 -11.88 35.16
N PHE D 91 -20.64 -11.44 34.52
CA PHE D 91 -19.37 -12.15 34.51
C PHE D 91 -18.31 -11.28 35.10
N ASP D 92 -17.60 -11.85 36.06
CA ASP D 92 -16.55 -11.13 36.78
C ASP D 92 -15.23 -11.22 35.99
N ILE D 93 -15.17 -10.57 34.82
CA ILE D 93 -14.03 -10.77 33.89
C ILE D 93 -13.18 -9.51 33.89
N VAL D 94 -12.11 -9.50 33.10
CA VAL D 94 -11.09 -8.47 33.08
C VAL D 94 -11.56 -7.24 32.24
N GLY D 95 -12.28 -7.53 31.16
CA GLY D 95 -12.71 -6.44 30.26
C GLY D 95 -13.53 -6.93 29.09
N ILE D 96 -14.12 -5.99 28.32
CA ILE D 96 -14.62 -6.36 26.99
C ILE D 96 -13.70 -5.70 26.00
N ALA D 97 -13.86 -6.02 24.71
CA ALA D 97 -13.03 -5.45 23.66
C ALA D 97 -13.77 -5.35 22.37
N SER D 98 -13.24 -4.52 21.47
CA SER D 98 -13.78 -4.51 20.12
C SER D 98 -12.79 -4.08 19.14
N TYR D 99 -12.79 -4.77 17.99
CA TYR D 99 -12.11 -4.21 16.83
C TYR D 99 -13.00 -3.11 16.21
N ALA D 100 -12.39 -2.34 15.32
CA ALA D 100 -13.12 -1.32 14.56
C ALA D 100 -14.09 -2.02 13.62
N PRO D 101 -15.20 -1.35 13.30
CA PRO D 101 -16.16 -1.87 12.30
C PRO D 101 -15.39 -2.19 11.03
N TYR D 102 -15.56 -3.42 10.55
CA TYR D 102 -14.76 -3.88 9.43
C TYR D 102 -15.49 -3.81 8.10
N TYR D 103 -14.78 -4.20 7.04
CA TYR D 103 -15.29 -4.26 5.67
C TYR D 103 -15.40 -2.87 5.01
N TYR D 104 -16.27 -2.01 5.49
CA TYR D 104 -16.52 -0.72 4.85
C TYR D 104 -15.31 0.19 4.88
N PRO D 105 -14.79 0.54 3.72
CA PRO D 105 -13.67 1.49 3.61
C PRO D 105 -14.07 2.92 3.91
N ARG D 106 -13.10 3.67 4.35
CA ARG D 106 -13.22 5.13 4.49
C ARG D 106 -14.42 5.54 5.34
N MET D 107 -14.55 4.91 6.50
CA MET D 107 -15.45 5.37 7.52
C MET D 107 -14.85 6.64 8.19
N SER D 108 -15.70 7.64 8.43
CA SER D 108 -15.18 8.89 9.00
C SER D 108 -14.62 8.67 10.42
N GLU D 109 -13.64 9.49 10.81
CA GLU D 109 -13.13 9.50 12.20
C GLU D 109 -14.30 9.66 13.22
N LYS D 110 -15.28 10.48 12.87
CA LYS D 110 -16.35 10.79 13.78
C LYS D 110 -17.17 9.58 14.01
N HIS D 111 -17.54 8.87 12.94
CA HIS D 111 -18.28 7.63 13.10
C HIS D 111 -17.56 6.52 13.89
N LEU D 112 -16.28 6.38 13.64
CA LEU D 112 -15.44 5.40 14.39
C LEU D 112 -15.38 5.76 15.88
N VAL D 113 -15.09 7.03 16.19
CA VAL D 113 -15.14 7.46 17.58
C VAL D 113 -16.53 7.21 18.20
N LYS D 114 -17.60 7.62 17.53
CA LYS D 114 -18.95 7.37 18.05
C LYS D 114 -19.20 5.86 18.34
N TYR D 115 -18.76 5.01 17.43
CA TYR D 115 -18.91 3.57 17.65
C TYR D 115 -18.28 3.14 18.98
N PHE D 116 -17.01 3.50 19.20
CA PHE D 116 -16.32 3.04 20.42
C PHE D 116 -16.87 3.71 21.71
N LYS D 117 -17.14 5.01 21.64
CA LYS D 117 -17.68 5.70 22.82
C LYS D 117 -19.01 5.12 23.20
N THR D 118 -19.79 4.68 22.21
CA THR D 118 -21.07 4.01 22.52
C THR D 118 -20.86 2.72 23.32
N LEU D 119 -19.90 1.91 22.90
CA LEU D 119 -19.54 0.70 23.67
C LEU D 119 -19.07 1.03 25.09
N CYS D 120 -18.20 2.02 25.23
CA CYS D 120 -17.79 2.50 26.54
C CYS D 120 -18.91 2.93 27.44
N GLU D 121 -19.92 3.57 26.85
CA GLU D 121 -21.01 4.11 27.61
C GLU D 121 -21.86 3.01 28.25
N VAL D 122 -21.94 1.84 27.63
CA VAL D 122 -22.84 0.80 28.11
C VAL D 122 -22.04 -0.29 28.78
N SER D 123 -20.72 -0.16 28.78
CA SER D 123 -19.89 -1.29 29.22
C SER D 123 -19.83 -1.33 30.72
N PRO D 124 -20.15 -2.48 31.32
CA PRO D 124 -19.99 -2.70 32.76
C PRO D 124 -18.56 -3.11 33.16
N HIS D 125 -17.63 -3.18 32.19
CA HIS D 125 -16.23 -3.56 32.44
C HIS D 125 -15.25 -2.60 31.73
N PRO D 126 -14.00 -2.60 32.12
CA PRO D 126 -12.99 -1.87 31.33
C PRO D 126 -13.08 -2.31 29.82
N VAL D 127 -12.87 -1.36 28.91
CA VAL D 127 -13.00 -1.58 27.45
C VAL D 127 -11.62 -1.53 26.84
N TYR D 128 -11.33 -2.59 26.10
CA TYR D 128 -10.12 -2.67 25.31
C TYR D 128 -10.32 -2.42 23.83
N LEU D 129 -9.45 -1.58 23.28
CA LEU D 129 -9.33 -1.42 21.81
C LEU D 129 -8.56 -2.62 21.22
N TYR D 130 -9.13 -3.25 20.20
CA TYR D 130 -8.36 -4.20 19.37
C TYR D 130 -8.13 -3.51 18.05
N ASN D 131 -6.92 -3.01 17.87
CA ASN D 131 -6.55 -2.30 16.68
C ASN D 131 -5.87 -3.23 15.67
N TYR D 132 -6.54 -3.47 14.57
CA TYR D 132 -5.97 -4.39 13.57
C TYR D 132 -6.24 -3.81 12.19
N PRO D 133 -5.46 -2.82 11.73
CA PRO D 133 -5.75 -2.16 10.43
C PRO D 133 -5.84 -3.08 9.22
N THR D 134 -4.96 -4.08 9.12
CA THR D 134 -4.96 -4.91 7.92
C THR D 134 -6.31 -5.64 7.79
N ALA D 135 -6.80 -6.27 8.88
CA ALA D 135 -8.08 -6.97 8.88
C ALA D 135 -9.30 -6.01 8.73
N THR D 136 -9.30 -4.87 9.44
CA THR D 136 -10.50 -4.02 9.50
C THR D 136 -10.56 -2.95 8.45
N GLY D 137 -9.41 -2.62 7.88
CA GLY D 137 -9.40 -1.66 6.80
C GLY D 137 -9.19 -0.26 7.39
N LYS D 138 -9.06 -0.10 8.70
CA LYS D 138 -8.77 1.22 9.21
C LYS D 138 -7.99 1.17 10.50
N ASP D 139 -7.32 2.28 10.79
CA ASP D 139 -6.46 2.38 11.91
C ASP D 139 -7.07 3.28 13.00
N ILE D 140 -7.05 2.81 14.24
CA ILE D 140 -7.37 3.65 15.39
C ILE D 140 -6.10 3.92 16.21
N ASP D 141 -5.32 4.90 15.78
CA ASP D 141 -3.98 5.10 16.32
C ASP D 141 -4.02 5.72 17.70
N ALA D 142 -2.85 6.01 18.24
CA ALA D 142 -2.73 6.55 19.62
C ALA D 142 -3.53 7.86 19.83
N LYS D 143 -3.49 8.73 18.85
CA LYS D 143 -4.25 10.01 18.95
C LYS D 143 -5.76 9.80 18.89
N VAL D 144 -6.24 8.93 18.00
CA VAL D 144 -7.69 8.65 18.01
C VAL D 144 -8.14 7.95 19.33
N ALA D 145 -7.30 7.05 19.84
CA ALA D 145 -7.55 6.33 21.11
C ALA D 145 -7.66 7.34 22.24
N LYS D 146 -6.76 8.33 22.21
N LYS D 146 -6.77 8.33 22.24
CA LYS D 146 -6.75 9.43 23.20
CA LYS D 146 -6.85 9.38 23.26
C LYS D 146 -8.03 10.23 23.09
C LYS D 146 -8.15 10.13 23.11
N GLU D 147 -8.47 10.48 21.87
CA GLU D 147 -9.74 11.20 21.61
C GLU D 147 -10.97 10.40 22.10
N ILE D 148 -11.00 9.10 21.82
CA ILE D 148 -12.06 8.21 22.38
C ILE D 148 -12.08 8.30 23.90
N GLY D 149 -10.89 8.21 24.52
CA GLY D 149 -10.71 8.63 25.91
C GLY D 149 -11.21 7.61 26.92
N CYS D 150 -11.83 6.53 26.50
CA CYS D 150 -12.35 5.60 27.52
C CYS D 150 -11.70 4.20 27.52
N PHE D 151 -10.58 4.02 26.81
CA PHE D 151 -9.94 2.69 26.73
C PHE D 151 -9.07 2.41 27.96
N THR D 152 -9.30 1.27 28.59
CA THR D 152 -8.35 0.73 29.55
C THR D 152 -7.06 0.15 28.93
N GLY D 153 -7.16 -0.44 27.74
CA GLY D 153 -5.97 -0.97 27.08
C GLY D 153 -6.17 -1.14 25.59
N VAL D 154 -5.09 -1.47 24.88
CA VAL D 154 -5.15 -1.70 23.44
C VAL D 154 -4.31 -2.94 23.11
N LYS D 155 -4.83 -3.76 22.21
CA LYS D 155 -4.02 -4.74 21.56
C LYS D 155 -3.76 -4.20 20.15
N ASP D 156 -2.50 -3.97 19.83
CA ASP D 156 -2.11 -3.37 18.55
C ASP D 156 -1.48 -4.42 17.65
N THR D 157 -2.26 -4.85 16.67
CA THR D 157 -1.80 -5.83 15.72
C THR D 157 -1.38 -5.13 14.48
N ILE D 158 -0.10 -4.94 14.29
CA ILE D 158 0.34 -4.09 13.20
C ILE D 158 1.82 -4.34 13.14
N GLU D 159 2.37 -4.23 11.95
CA GLU D 159 3.82 -4.39 11.76
C GLU D 159 4.49 -3.01 11.89
N ASN D 160 4.53 -2.46 13.11
CA ASN D 160 5.13 -1.13 13.32
C ASN D 160 5.17 -0.90 14.81
N ILE D 161 6.29 -1.19 15.46
CA ILE D 161 6.31 -1.05 16.90
C ILE D 161 6.32 0.42 17.32
N ILE D 162 6.68 1.34 16.42
CA ILE D 162 6.66 2.78 16.76
C ILE D 162 5.20 3.17 17.05
N HIS D 163 4.32 2.66 16.20
CA HIS D 163 2.89 2.83 16.32
C HIS D 163 2.41 2.31 17.69
N THR D 164 2.96 1.19 18.13
CA THR D 164 2.53 0.58 19.37
C THR D 164 3.02 1.41 20.55
N LEU D 165 4.29 1.83 20.52
CA LEU D 165 4.84 2.67 21.57
C LEU D 165 4.10 4.00 21.70
N ASP D 166 3.57 4.50 20.57
CA ASP D 166 2.85 5.77 20.60
C ASP D 166 1.64 5.69 21.49
N TYR D 167 0.96 4.53 21.57
CA TYR D 167 -0.12 4.41 22.59
C TYR D 167 0.34 4.75 24.02
N LYS D 168 1.47 4.20 24.40
CA LYS D 168 2.05 4.49 25.71
C LYS D 168 2.48 5.95 25.86
N ARG D 169 3.07 6.51 24.80
CA ARG D 169 3.55 7.89 24.83
C ARG D 169 2.39 8.86 24.98
N LEU D 170 1.34 8.69 24.18
CA LEU D 170 0.15 9.57 24.26
C LEU D 170 -0.84 9.20 25.40
N ASN D 171 -0.78 7.97 25.88
CA ASN D 171 -1.69 7.53 26.92
C ASN D 171 -0.96 6.73 27.95
N PRO D 172 -0.21 7.39 28.87
CA PRO D 172 0.65 6.73 29.86
C PRO D 172 -0.05 5.72 30.76
N ASN D 173 -1.33 5.89 31.03
CA ASN D 173 -1.94 4.87 31.90
C ASN D 173 -2.67 3.74 31.17
N MET D 174 -2.67 3.74 29.84
CA MET D 174 -3.25 2.64 29.09
C MET D 174 -2.38 1.35 29.18
N LEU D 175 -2.99 0.18 29.30
CA LEU D 175 -2.24 -1.04 29.06
C LEU D 175 -2.01 -1.20 27.55
N VAL D 176 -0.79 -1.48 27.13
CA VAL D 176 -0.47 -1.53 25.73
C VAL D 176 0.20 -2.87 25.43
N TYR D 177 -0.50 -3.68 24.59
CA TYR D 177 -0.01 -5.01 24.18
C TYR D 177 0.25 -5.03 22.71
N SER D 178 1.21 -5.85 22.31
CA SER D 178 1.43 -6.12 20.91
C SER D 178 0.59 -7.36 20.55
N GLY D 179 -0.01 -7.36 19.36
CA GLY D 179 -0.56 -8.58 18.81
C GLY D 179 0.39 -9.59 18.13
N SER D 180 1.70 -9.42 18.26
CA SER D 180 2.67 -10.27 17.60
C SER D 180 3.29 -11.32 18.54
N ASP D 181 3.33 -12.56 18.06
CA ASP D 181 4.22 -13.56 18.68
C ASP D 181 5.71 -13.26 18.53
N MET D 182 6.07 -12.49 17.52
CA MET D 182 7.50 -12.32 17.18
C MET D 182 8.15 -11.29 18.08
N LEU D 183 7.29 -10.57 18.80
CA LEU D 183 7.74 -9.41 19.63
C LEU D 183 7.65 -9.65 21.15
N ILE D 184 7.55 -10.89 21.57
CA ILE D 184 7.46 -11.13 23.03
C ILE D 184 8.74 -10.68 23.71
N ALA D 185 9.92 -11.12 23.23
CA ALA D 185 11.17 -10.63 23.85
C ALA D 185 11.28 -9.07 23.86
N THR D 186 10.95 -8.43 22.74
CA THR D 186 11.19 -6.98 22.55
C THR D 186 10.22 -6.22 23.45
N VAL D 187 8.99 -6.67 23.45
CA VAL D 187 7.99 -5.96 24.22
C VAL D 187 8.36 -6.02 25.70
N ALA D 188 8.81 -7.19 26.17
CA ALA D 188 9.19 -7.25 27.58
C ALA D 188 10.46 -6.38 27.84
N SER D 189 11.31 -6.23 26.83
N SER D 189 11.32 -6.20 26.85
CA SER D 189 12.54 -5.45 27.01
CA SER D 189 12.53 -5.39 27.11
C SER D 189 12.28 -3.95 26.99
C SER D 189 12.29 -3.91 27.00
N THR D 190 11.23 -3.53 26.28
CA THR D 190 11.05 -2.12 25.99
C THR D 190 10.00 -1.39 26.80
N GLY D 191 9.45 -2.02 27.86
CA GLY D 191 8.54 -1.36 28.78
C GLY D 191 7.08 -1.44 28.37
N LEU D 192 6.77 -2.30 27.42
CA LEU D 192 5.38 -2.50 27.01
C LEU D 192 4.68 -3.57 27.90
N ASP D 193 3.36 -3.70 27.80
CA ASP D 193 2.66 -4.52 28.82
C ASP D 193 2.46 -5.95 28.48
N GLY D 194 2.85 -6.36 27.28
CA GLY D 194 2.75 -7.78 26.97
C GLY D 194 2.30 -8.05 25.55
N ASN D 195 1.80 -9.27 25.30
CA ASN D 195 1.54 -9.77 23.94
C ASN D 195 0.27 -10.62 23.97
N VAL D 196 -0.65 -10.38 23.01
CA VAL D 196 -1.81 -11.24 22.83
C VAL D 196 -1.37 -12.09 21.65
N ALA D 197 -0.88 -13.30 21.94
CA ALA D 197 0.00 -14.02 21.02
C ALA D 197 -0.73 -15.30 20.50
N ALA D 198 -1.14 -15.33 19.24
CA ALA D 198 -1.89 -16.46 18.69
C ALA D 198 -1.08 -17.77 18.93
N GLY D 199 0.25 -17.73 18.74
CA GLY D 199 1.10 -18.89 18.96
C GLY D 199 1.08 -19.45 20.41
N SER D 200 0.62 -18.66 21.37
CA SER D 200 0.54 -19.16 22.74
C SER D 200 -0.59 -20.21 22.85
N ASN D 201 -1.51 -20.29 21.88
CA ASN D 201 -2.42 -21.43 21.81
C ASN D 201 -1.71 -22.81 21.79
N TYR D 202 -0.69 -22.96 20.93
CA TYR D 202 -0.03 -24.23 20.72
C TYR D 202 1.33 -24.31 21.41
N LEU D 203 1.96 -23.17 21.67
CA LEU D 203 3.20 -23.27 22.47
C LEU D 203 3.19 -22.28 23.63
N PRO D 204 2.21 -22.40 24.54
CA PRO D 204 2.17 -21.48 25.69
C PRO D 204 3.48 -21.51 26.52
N GLU D 205 4.12 -22.68 26.62
CA GLU D 205 5.42 -22.86 27.33
C GLU D 205 6.51 -21.92 26.78
N VAL D 206 6.62 -21.92 25.46
CA VAL D 206 7.59 -21.10 24.76
C VAL D 206 7.31 -19.62 25.05
N THR D 207 6.06 -19.18 24.90
CA THR D 207 5.79 -17.74 25.02
C THR D 207 5.99 -17.26 26.40
N VAL D 208 5.55 -18.04 27.40
CA VAL D 208 5.87 -17.70 28.78
C VAL D 208 7.39 -17.69 29.08
N THR D 209 8.14 -18.62 28.53
CA THR D 209 9.56 -18.68 28.84
C THR D 209 10.29 -17.53 28.16
N ILE D 210 9.85 -17.14 26.96
CA ILE D 210 10.46 -15.96 26.30
C ILE D 210 10.31 -14.78 27.21
N LYS D 211 9.08 -14.53 27.66
CA LYS D 211 8.82 -13.33 28.47
C LYS D 211 9.63 -13.37 29.78
N LYS D 212 9.63 -14.52 30.45
CA LYS D 212 10.45 -14.71 31.64
C LYS D 212 11.93 -14.31 31.40
N LEU D 213 12.57 -14.88 30.39
CA LEU D 213 13.99 -14.60 30.13
C LEU D 213 14.26 -13.12 29.87
N ALA D 214 13.36 -12.48 29.12
CA ALA D 214 13.50 -11.07 28.82
C ALA D 214 13.40 -10.24 30.13
N MET D 215 12.47 -10.60 30.99
N MET D 215 12.51 -10.65 31.04
CA MET D 215 12.31 -9.90 32.28
CA MET D 215 12.32 -9.94 32.31
C MET D 215 13.63 -10.02 33.05
C MET D 215 13.43 -10.21 33.33
N GLU D 216 14.24 -11.21 33.04
CA GLU D 216 15.45 -11.48 33.80
C GLU D 216 16.63 -10.73 33.18
N ARG D 217 16.39 -10.09 32.04
CA ARG D 217 17.41 -9.39 31.25
C ARG D 217 18.43 -10.37 30.64
N LYS D 218 17.99 -11.60 30.44
CA LYS D 218 18.74 -12.55 29.65
C LYS D 218 18.38 -12.36 28.17
N ILE D 219 18.82 -11.21 27.62
CA ILE D 219 18.25 -10.83 26.33
C ILE D 219 18.71 -11.78 25.21
N ASP D 220 19.98 -12.21 25.24
N ASP D 220 19.99 -12.20 25.21
CA ASP D 220 20.45 -13.09 24.18
CA ASP D 220 20.42 -13.09 24.13
C ASP D 220 19.74 -14.42 24.21
C ASP D 220 19.72 -14.45 24.20
N GLU D 221 19.41 -14.90 25.42
CA GLU D 221 18.73 -16.19 25.61
C GLU D 221 17.24 -16.06 25.19
N ALA D 222 16.63 -14.94 25.63
CA ALA D 222 15.27 -14.62 25.19
C ALA D 222 15.19 -14.58 23.67
N LEU D 223 16.12 -13.90 23.01
CA LEU D 223 16.11 -13.84 21.56
C LEU D 223 16.30 -15.21 20.89
N LYS D 224 17.19 -16.06 21.43
CA LYS D 224 17.43 -17.39 20.87
C LYS D 224 16.12 -18.17 20.87
N LEU D 225 15.38 -18.04 21.95
CA LEU D 225 14.13 -18.83 22.03
C LEU D 225 13.02 -18.12 21.17
N GLN D 226 13.02 -16.78 21.17
CA GLN D 226 12.05 -16.01 20.35
C GLN D 226 12.27 -16.38 18.87
N PHE D 227 13.53 -16.53 18.47
CA PHE D 227 13.81 -16.82 17.06
C PHE D 227 13.37 -18.25 16.69
N LEU D 228 13.41 -19.20 17.62
CA LEU D 228 12.84 -20.56 17.33
C LEU D 228 11.32 -20.48 17.25
N HIS D 229 10.71 -19.74 18.16
CA HIS D 229 9.26 -19.54 18.07
C HIS D 229 8.89 -18.87 16.73
N ASP D 230 9.70 -17.89 16.25
CA ASP D 230 9.44 -17.24 14.96
C ASP D 230 9.37 -18.27 13.82
N GLU D 231 10.23 -19.28 13.88
CA GLU D 231 10.22 -20.29 12.83
C GLU D 231 8.92 -21.07 12.84
N VAL D 232 8.35 -21.36 14.02
CA VAL D 232 7.04 -22.03 14.09
C VAL D 232 5.93 -21.13 13.53
N ILE D 233 5.97 -19.80 13.87
CA ILE D 233 4.99 -18.82 13.32
C ILE D 233 5.05 -18.85 11.80
N GLU D 234 6.28 -18.85 11.26
CA GLU D 234 6.43 -18.79 9.82
C GLU D 234 5.93 -20.09 9.19
N ALA D 235 6.25 -21.26 9.77
CA ALA D 235 5.69 -22.53 9.25
C ALA D 235 4.17 -22.46 9.28
N SER D 236 3.56 -22.01 10.38
CA SER D 236 2.09 -21.91 10.40
C SER D 236 1.49 -21.06 9.28
N ARG D 237 2.24 -20.06 8.76
CA ARG D 237 1.63 -19.20 7.74
C ARG D 237 1.56 -19.82 6.35
N ILE D 238 2.40 -20.82 6.09
CA ILE D 238 2.48 -21.47 4.77
C ILE D 238 1.17 -21.93 4.22
N PHE D 239 0.36 -22.59 5.04
CA PHE D 239 -0.91 -23.04 4.55
C PHE D 239 -2.06 -22.23 5.08
N GLY D 240 -1.76 -21.15 5.83
CA GLY D 240 -2.82 -20.33 6.40
C GLY D 240 -2.76 -20.49 7.90
N SER D 241 -2.35 -19.45 8.63
CA SER D 241 -2.15 -19.59 10.06
C SER D 241 -3.40 -19.97 10.85
N LEU D 242 -4.56 -19.45 10.47
CA LEU D 242 -5.77 -19.64 11.26
C LEU D 242 -6.19 -21.15 11.32
N SER D 243 -5.98 -21.83 10.19
CA SER D 243 -6.18 -23.28 10.01
C SER D 243 -5.06 -24.02 10.65
N SER D 244 -3.82 -23.58 10.40
CA SER D 244 -2.63 -24.25 10.96
C SER D 244 -2.58 -24.27 12.47
N ASN D 245 -3.12 -23.21 13.10
CA ASN D 245 -3.19 -23.17 14.55
C ASN D 245 -3.86 -24.43 15.16
N TYR D 246 -4.90 -24.96 14.52
CA TYR D 246 -5.57 -26.17 15.02
C TYR D 246 -4.57 -27.35 14.97
N VAL D 247 -3.94 -27.52 13.82
CA VAL D 247 -2.98 -28.61 13.65
C VAL D 247 -1.83 -28.48 14.66
N LEU D 248 -1.24 -27.30 14.80
CA LEU D 248 -0.13 -27.14 15.76
C LEU D 248 -0.56 -27.35 17.16
N THR D 249 -1.81 -27.02 17.52
CA THR D 249 -2.21 -27.22 18.92
C THR D 249 -2.30 -28.71 19.22
N LYS D 250 -2.84 -29.46 18.25
CA LYS D 250 -2.84 -30.94 18.41
C LYS D 250 -1.39 -31.45 18.55
N TYR D 251 -0.52 -31.05 17.61
CA TYR D 251 0.85 -31.54 17.54
C TYR D 251 1.59 -31.29 18.85
N PHE D 252 1.62 -30.02 19.29
CA PHE D 252 2.37 -29.67 20.49
C PHE D 252 1.70 -29.95 21.82
N GLN D 253 0.38 -29.82 21.87
CA GLN D 253 -0.27 -29.96 23.16
C GLN D 253 -0.96 -31.31 23.29
N GLY D 254 -1.15 -32.01 22.18
CA GLY D 254 -1.72 -33.34 22.27
C GLY D 254 -3.24 -33.57 22.28
N TYR D 255 -4.03 -32.54 22.43
CA TYR D 255 -5.46 -32.74 22.33
C TYR D 255 -5.86 -32.02 21.08
N ASP D 256 -6.98 -32.37 20.46
CA ASP D 256 -7.32 -31.65 19.26
C ASP D 256 -8.40 -30.56 19.54
N LEU D 257 -8.58 -29.68 18.56
CA LEU D 257 -9.56 -28.60 18.67
C LEU D 257 -10.56 -28.62 17.51
N GLY D 258 -10.88 -29.82 17.02
CA GLY D 258 -11.97 -29.91 16.10
C GLY D 258 -11.53 -29.28 14.78
N TYR D 259 -12.46 -28.55 14.15
CA TYR D 259 -12.30 -27.96 12.83
C TYR D 259 -12.44 -26.42 12.98
N PRO D 260 -11.91 -25.66 12.02
CA PRO D 260 -12.24 -24.23 11.91
C PRO D 260 -13.64 -24.11 11.29
N ARG D 261 -14.11 -22.91 11.05
CA ARG D 261 -15.38 -22.72 10.38
C ARG D 261 -15.09 -22.24 8.94
N PRO D 262 -15.46 -23.03 7.94
CA PRO D 262 -15.38 -22.58 6.52
C PRO D 262 -16.05 -21.23 6.24
N PRO D 263 -15.48 -20.32 5.45
CA PRO D 263 -14.32 -20.51 4.55
C PRO D 263 -12.92 -20.47 5.14
N ILE D 264 -12.78 -20.58 6.45
CA ILE D 264 -11.48 -21.00 7.00
C ILE D 264 -11.49 -22.55 6.99
N PHE D 265 -10.85 -23.14 5.97
CA PHE D 265 -10.93 -24.59 5.77
C PHE D 265 -9.84 -25.31 6.51
N PRO D 266 -10.04 -26.54 6.96
CA PRO D 266 -8.95 -27.28 7.62
C PRO D 266 -7.83 -27.64 6.67
N LEU D 267 -6.60 -27.79 7.18
CA LEU D 267 -5.50 -28.26 6.34
C LEU D 267 -5.85 -29.73 5.90
N ASP D 268 -5.54 -30.07 4.66
CA ASP D 268 -5.68 -31.46 4.24
C ASP D 268 -4.47 -32.27 4.66
N ASP D 269 -4.58 -33.57 4.45
CA ASP D 269 -3.51 -34.47 4.87
C ASP D 269 -2.16 -34.06 4.32
N GLU D 270 -2.08 -33.71 3.05
CA GLU D 270 -0.78 -33.35 2.48
C GLU D 270 -0.22 -32.07 3.20
N GLU D 271 -1.08 -31.09 3.41
CA GLU D 271 -0.64 -29.89 4.13
C GLU D 271 -0.19 -30.14 5.54
N GLU D 272 -0.95 -30.91 6.32
CA GLU D 272 -0.50 -31.30 7.66
C GLU D 272 0.87 -31.95 7.65
N ARG D 273 1.09 -32.93 6.77
CA ARG D 273 2.39 -33.62 6.74
C ARG D 273 3.47 -32.59 6.51
N GLN D 274 3.26 -31.70 5.55
CA GLN D 274 4.33 -30.73 5.24
C GLN D 274 4.59 -29.77 6.42
N LEU D 275 3.51 -29.37 7.14
CA LEU D 275 3.65 -28.49 8.28
C LEU D 275 4.45 -29.15 9.38
N ILE D 276 4.11 -30.40 9.70
CA ILE D 276 4.83 -31.17 10.73
C ILE D 276 6.31 -31.32 10.37
N LYS D 277 6.63 -31.71 9.14
CA LYS D 277 8.04 -31.75 8.74
C LYS D 277 8.75 -30.36 8.96
N LYS D 278 8.04 -29.25 8.79
CA LYS D 278 8.69 -27.95 9.07
C LYS D 278 8.95 -27.67 10.55
N VAL D 279 8.19 -28.31 11.45
CA VAL D 279 8.32 -28.04 12.90
C VAL D 279 8.85 -29.18 13.84
N GLU D 280 8.92 -30.41 13.33
CA GLU D 280 9.33 -31.53 14.21
C GLU D 280 10.78 -31.33 14.74
N GLY D 281 11.65 -30.68 13.96
CA GLY D 281 13.00 -30.39 14.39
C GLY D 281 12.98 -29.32 15.50
N ILE D 282 12.20 -28.27 15.26
CA ILE D 282 11.99 -27.32 16.35
C ILE D 282 11.45 -28.02 17.57
N ARG D 283 10.45 -28.86 17.39
CA ARG D 283 9.94 -29.58 18.52
C ARG D 283 11.06 -30.39 19.25
N ALA D 284 11.88 -31.15 18.52
CA ALA D 284 13.08 -31.79 19.10
C ALA D 284 13.96 -30.81 19.93
N LYS D 285 14.32 -29.63 19.37
CA LYS D 285 15.18 -28.67 20.08
C LYS D 285 14.53 -28.25 21.39
N LEU D 286 13.21 -28.07 21.39
CA LEU D 286 12.45 -27.58 22.58
C LEU D 286 12.39 -28.63 23.71
N VAL D 287 12.24 -29.89 23.32
CA VAL D 287 12.35 -31.01 24.27
C VAL D 287 13.77 -31.05 24.82
N GLU D 288 14.77 -30.89 23.94
CA GLU D 288 16.19 -30.90 24.37
C GLU D 288 16.37 -29.82 25.44
N LEU D 289 15.82 -28.64 25.17
CA LEU D 289 15.91 -27.47 26.07
C LEU D 289 15.03 -27.60 27.30
N LYS D 290 14.28 -28.69 27.36
CA LYS D 290 13.38 -28.96 28.48
C LYS D 290 12.21 -27.95 28.57
N ILE D 291 11.91 -27.26 27.47
CA ILE D 291 10.73 -26.38 27.48
C ILE D 291 9.45 -27.21 27.29
N LEU D 292 9.52 -28.20 26.41
CA LEU D 292 8.47 -29.15 26.21
C LEU D 292 8.81 -30.49 26.88
N LYS D 293 7.83 -31.19 27.42
CA LYS D 293 8.11 -32.54 27.99
C LYS D 293 8.41 -33.56 26.89
N GLU D 294 7.48 -33.67 25.93
CA GLU D 294 7.71 -34.38 24.66
C GLU D 294 6.55 -34.09 23.68
O2 SSH E . -22.57 -1.44 -3.57
C1 SSH E . -22.23 -2.40 -4.35
O1 SSH E . -22.46 -3.63 -4.10
C2 SSH E . -21.49 -2.17 -5.62
C3 SSH E . -20.95 -0.76 -5.87
C4 SSH E . -19.51 -0.71 -5.19
O4 SSH E . -19.26 -2.01 -4.62
C5 SSH E . -19.49 0.34 -4.05
O5 SSH E . -20.02 1.55 -4.62
C6 SSH E . -18.08 0.74 -3.57
O6 SSH E . -18.29 1.48 -2.36
C1 GOL F . -19.25 5.78 7.73
O1 GOL F . -18.64 7.12 7.88
C2 GOL F . -19.88 5.53 6.32
O2 GOL F . -20.96 6.50 5.92
C3 GOL F . -18.74 5.18 5.29
O3 GOL F . -19.13 5.25 3.88
O2 SSH G . 19.63 9.43 6.51
C1 SSH G . 20.07 8.17 6.44
O1 SSH G . 20.99 7.80 5.69
C2 SSH G . 19.60 7.07 7.31
C3 SSH G . 18.71 7.42 8.43
C4 SSH G . 17.30 7.00 7.82
O4 SSH G . 17.45 6.49 6.47
C5 SSH G . 16.38 8.21 7.78
O5 SSH G . 16.62 8.86 9.02
C6 SSH G . 14.85 7.94 7.57
O6 SSH G . 14.58 8.68 6.36
C1 GOL H . 11.01 18.17 1.19
O1 GOL H . 9.75 18.77 1.63
C2 GOL H . 11.89 17.66 2.35
O2 GOL H . 12.38 18.72 3.28
C3 GOL H . 11.29 16.32 2.92
O3 GOL H . 12.04 15.72 4.01
O2 SSH I . 8.81 5.23 -20.10
C1 SSH I . 8.34 6.30 -19.96
O1 SSH I . 8.89 7.39 -19.88
C2 SSH I . 6.87 6.19 -19.96
C3 SSH I . 6.36 4.76 -19.88
C4 SSH I . 5.85 4.40 -18.49
O4 SSH I . 6.09 5.58 -17.74
C5 SSH I . 6.72 3.35 -17.79
O5 SSH I . 7.01 2.21 -18.68
C6 SSH I . 5.78 2.72 -16.76
O6 SSH I . 6.80 1.72 -16.40
O2 SSH J . -6.18 -13.34 17.32
C1 SSH J . -6.44 -12.22 17.91
O1 SSH J . -7.59 -11.83 18.26
C2 SSH J . -5.35 -11.27 18.18
C3 SSH J . -3.93 -11.72 17.87
C4 SSH J . -3.71 -11.07 16.43
O4 SSH J . -4.78 -10.17 16.02
C5 SSH J . -3.68 -12.06 15.29
O5 SSH J . -2.24 -12.26 15.19
C6 SSH J . -3.58 -11.32 13.96
O6 SSH J . -3.52 -12.47 13.12
C1 GOL K . -7.45 -19.39 5.04
O1 GOL K . -6.32 -19.74 4.12
C2 GOL K . -6.93 -19.21 6.49
O2 GOL K . -6.34 -20.46 6.97
C3 GOL K . -6.02 -17.91 6.61
O3 GOL K . -5.20 -17.79 7.82
#